data_8QEB
#
_entry.id   8QEB
#
_cell.length_a   1.00
_cell.length_b   1.00
_cell.length_c   1.00
_cell.angle_alpha   90.00
_cell.angle_beta   90.00
_cell.angle_gamma   90.00
#
_symmetry.space_group_name_H-M   'P 1'
#
loop_
_entity.id
_entity.type
_entity.pdbx_description
1 polymer 'NPC intracellular sterol transporter 1-related protein 1'
2 branched 2-acetamido-2-deoxy-beta-D-glucopyranose-(1-4)-2-acetamido-2-deoxy-beta-D-glucopyranose
3 non-polymer 'CHOLESTEROL HEMISUCCINATE'
4 non-polymer ERGOSTEROL
5 water water
#
_entity_poly.entity_id   1
_entity_poly.type   'polypeptide(L)'
_entity_poly.pdbx_seq_one_letter_code
;MNVLWIIALVGQLMRLVQGTATCAMYGNCGKKSVFGNELPCPVPRSFEPPVLSDETSKLLVEVCGEEWKEVRYACCTKDQ
VVALRDNLQKAQPLISSCPACLKNFNNLFCHFTCAADQGRFVNITKVEKSKEDKDIVAELDVFMNSSWASEFYDSCKNIK
FSATNGYAMDLIGGGAKNYSQFLKFLGDAKPMLGGSPFQINYKYDLANEEKEWQEFNDEVYACDDAQYKCACSDCQESCP
HLKPLKDGVCKVGPLPCFSLSVLIFYTICALFAFMWYYLCKRKKNGAMIVDDDIVPESGSLDESETNVFESFNNETNFFN
GKLANLFTKVGQFSVENPYKILITTVFSIFVFSFIIFQYATLETDPINLWVSKNSEKFKEKEYFDDNFGPFYRTEQIFVV
NETGPVLSYETLHWWFDVENFITEELQSSENIGYQDLCFRPTEDSTCVIESFTQYFQGALPNKDSWKRELQECGKFPVNC
LPTFQQPLKTNLLFSDDDILNAHAFVVTLLLTNHTQSANRWEERLEEYLLDLKVPEGLRISFNTEISLEKELNNNNDIST
VAISYLMMFLYATWALRRKDGKTRLLLGISGLLIVLASIVCAAGFLTLFGLKSTLIIAEVIPFLILAIGIDNIFLITHEY
DRNCEQKPEYSIDQKIISAIGRMSPSILMSLLCQTGCFLIAAFVTMPAVHNFAIYSTVSVIFNGVLQLTAYVSILSLYEK
RSNYKQITGNEETKESFLKTFYFKMLTQKRLIIIIFSAWFFTSLVFLPEIQFGLDQTLAVPQDSYLVDYFKDVYSFLNVG
PPVYMVVKNLDLTKRQNQQKICGKFTTCERDSLANVLEQERHRSTITEPLANWLDDYFMFLNPQNDQCCRLKKGTDEVCP
PSFPSRRCETCFQQGSWNYNMSGFPEGKDFMEYLSIWINAPSDPCPLGGRAPYSTALVYNETSVSASVFRTAHHPLRSQK
DFIQAYSDGVRISSSFPELDMFAYSPFYIFFVQYQTLGPLTLKLIGSAIILIFFISSVFLQNIRSSFLLALVVTMIIVDI
GALMALLGISLNAVSLVNLIICVGLGVEFCVHIVRSFTVVPSETKKDANSRVLYSLNTIGESVIKGITLTKFIGVCVLAF
AQSKIFDVFYFRMWFTLIIVAALHALLFLPALLSLFGGESYRDDSIEAED
;
_entity_poly.pdbx_strand_id   A
#
loop_
_chem_comp.id
_chem_comp.type
_chem_comp.name
_chem_comp.formula
ERG non-polymer ERGOSTEROL 'C28 H44 O'
NAG D-saccharide, beta linking 2-acetamido-2-deoxy-beta-D-glucopyranose 'C8 H15 N O6'
Y01 non-polymer 'CHOLESTEROL HEMISUCCINATE' 'C31 H50 O4'
#
# COMPACT_ATOMS: atom_id res chain seq x y z
N ALA A 21 -32.75 60.26 -17.50
CA ALA A 21 -31.93 59.09 -17.97
C ALA A 21 -31.25 59.42 -19.30
N THR A 22 -30.03 58.91 -19.47
CA THR A 22 -29.26 59.12 -20.68
C THR A 22 -28.85 57.76 -21.26
N CYS A 23 -29.08 57.58 -22.56
CA CYS A 23 -28.76 56.34 -23.24
C CYS A 23 -28.08 56.63 -24.55
N ALA A 24 -27.08 55.81 -24.89
CA ALA A 24 -26.42 55.87 -26.18
C ALA A 24 -27.03 54.93 -27.21
N MET A 25 -28.08 54.20 -26.83
CA MET A 25 -28.76 53.30 -27.74
C MET A 25 -30.18 53.08 -27.24
N TYR A 26 -31.09 52.81 -28.17
CA TYR A 26 -32.48 52.58 -27.82
C TYR A 26 -33.22 52.04 -29.03
N GLY A 27 -34.17 51.13 -28.78
CA GLY A 27 -35.02 50.61 -29.83
C GLY A 27 -34.31 49.62 -30.74
N ASN A 28 -35.02 49.22 -31.78
CA ASN A 28 -34.51 48.30 -32.79
C ASN A 28 -34.73 48.90 -34.17
N CYS A 29 -33.74 48.75 -35.05
CA CYS A 29 -33.78 49.31 -36.39
C CYS A 29 -33.46 48.20 -37.40
N GLY A 30 -34.48 47.44 -37.78
CA GLY A 30 -34.32 46.43 -38.81
C GLY A 30 -33.26 45.41 -38.46
N LYS A 31 -32.66 44.84 -39.50
CA LYS A 31 -31.60 43.85 -39.35
C LYS A 31 -30.49 44.16 -40.35
N LYS A 32 -29.26 43.84 -39.95
CA LYS A 32 -28.11 44.09 -40.80
C LYS A 32 -27.92 43.03 -41.88
N SER A 33 -28.60 41.87 -41.75
CA SER A 33 -28.48 40.80 -42.72
C SER A 33 -29.83 40.14 -42.90
N VAL A 34 -30.15 39.78 -44.15
CA VAL A 34 -31.40 39.09 -44.42
C VAL A 34 -31.39 37.72 -43.77
N PHE A 35 -32.56 37.27 -43.33
CA PHE A 35 -32.72 35.98 -42.66
C PHE A 35 -31.81 35.91 -41.43
N GLY A 36 -31.76 37.00 -40.66
CA GLY A 36 -30.95 37.05 -39.46
C GLY A 36 -31.60 37.88 -38.40
N ASN A 37 -31.04 37.80 -37.20
CA ASN A 37 -31.57 38.55 -36.06
C ASN A 37 -31.40 40.05 -36.28
N GLU A 38 -32.31 40.82 -35.70
CA GLU A 38 -32.26 42.27 -35.82
C GLU A 38 -31.08 42.83 -35.03
N LEU A 39 -30.80 44.12 -35.25
CA LEU A 39 -29.67 44.77 -34.61
C LEU A 39 -30.15 46.02 -33.87
N PRO A 40 -29.54 46.36 -32.72
CA PRO A 40 -29.96 47.57 -32.01
C PRO A 40 -29.78 48.82 -32.85
N CYS A 41 -30.53 49.86 -32.47
CA CYS A 41 -30.50 51.13 -33.18
C CYS A 41 -29.72 52.16 -32.37
N PRO A 42 -28.51 52.55 -32.77
CA PRO A 42 -27.78 53.55 -32.00
C PRO A 42 -28.51 54.89 -31.97
N VAL A 43 -28.40 55.57 -30.82
CA VAL A 43 -29.04 56.87 -30.63
C VAL A 43 -28.04 57.79 -29.94
N PRO A 44 -28.02 59.08 -30.24
CA PRO A 44 -27.11 59.99 -29.53
C PRO A 44 -27.50 60.14 -28.07
N ARG A 45 -26.64 60.83 -27.31
CA ARG A 45 -26.87 61.05 -25.89
C ARG A 45 -27.85 62.17 -25.61
N SER A 46 -28.16 63.00 -26.62
CA SER A 46 -29.04 64.14 -26.38
C SER A 46 -30.44 63.69 -25.96
N PHE A 47 -30.97 62.66 -26.59
CA PHE A 47 -32.33 62.23 -26.32
C PHE A 47 -32.44 61.59 -24.94
N GLU A 48 -33.68 61.49 -24.46
CA GLU A 48 -33.98 60.85 -23.20
C GLU A 48 -34.97 59.70 -23.42
N PRO A 49 -34.73 58.54 -22.80
CA PRO A 49 -35.59 57.39 -23.08
C PRO A 49 -36.99 57.63 -22.54
N PRO A 50 -38.02 57.11 -23.21
CA PRO A 50 -39.38 57.21 -22.68
C PRO A 50 -39.60 56.21 -21.55
N VAL A 51 -40.68 56.46 -20.79
CA VAL A 51 -41.02 55.58 -19.69
C VAL A 51 -41.35 54.19 -20.21
N LEU A 52 -40.84 53.17 -19.52
CA LEU A 52 -41.08 51.79 -19.94
C LEU A 52 -42.55 51.43 -19.77
N SER A 53 -43.01 50.50 -20.60
CA SER A 53 -44.36 49.99 -20.50
C SER A 53 -44.48 49.01 -19.32
N ASP A 54 -45.72 48.75 -18.91
CA ASP A 54 -45.95 47.83 -17.81
C ASP A 54 -45.43 46.44 -18.13
N GLU A 55 -45.71 45.95 -19.35
CA GLU A 55 -45.24 44.62 -19.74
C GLU A 55 -43.72 44.56 -19.77
N THR A 56 -43.08 45.60 -20.30
CA THR A 56 -41.62 45.60 -20.38
C THR A 56 -40.99 45.55 -18.99
N SER A 57 -41.53 46.34 -18.04
CA SER A 57 -40.97 46.36 -16.70
C SER A 57 -41.08 44.99 -16.04
N LYS A 58 -42.23 44.34 -16.18
CA LYS A 58 -42.41 43.02 -15.56
C LYS A 58 -41.45 42.00 -16.16
N LEU A 59 -41.31 41.99 -17.49
CA LEU A 59 -40.42 41.04 -18.13
C LEU A 59 -38.97 41.37 -17.82
N LEU A 60 -38.61 42.65 -17.80
CA LEU A 60 -37.22 43.03 -17.56
C LEU A 60 -36.74 42.59 -16.19
N VAL A 61 -37.56 42.80 -15.16
CA VAL A 61 -37.15 42.42 -13.80
C VAL A 61 -37.09 40.90 -13.67
N GLU A 62 -38.02 40.19 -14.31
CA GLU A 62 -38.05 38.73 -14.19
C GLU A 62 -36.78 38.12 -14.75
N VAL A 63 -36.36 38.55 -15.94
CA VAL A 63 -35.17 37.96 -16.56
C VAL A 63 -33.92 38.40 -15.81
N CYS A 64 -33.86 39.65 -15.38
CA CYS A 64 -32.67 40.18 -14.73
C CYS A 64 -32.69 39.96 -13.22
N GLY A 65 -33.70 40.49 -12.55
CA GLY A 65 -33.80 40.32 -11.11
C GLY A 65 -34.77 41.34 -10.52
N GLU A 66 -34.86 41.30 -9.19
CA GLU A 66 -35.74 42.19 -8.46
C GLU A 66 -35.14 43.58 -8.26
N GLU A 67 -33.85 43.77 -8.54
CA GLU A 67 -33.21 45.05 -8.34
C GLU A 67 -33.63 46.09 -9.38
N TRP A 68 -34.33 45.68 -10.42
CA TRP A 68 -34.74 46.59 -11.49
C TRP A 68 -36.09 47.25 -11.22
N LYS A 69 -36.73 46.96 -10.09
CA LYS A 69 -38.02 47.56 -9.79
C LYS A 69 -37.92 49.07 -9.67
N GLU A 70 -36.86 49.56 -9.01
CA GLU A 70 -36.71 50.99 -8.82
C GLU A 70 -36.58 51.73 -10.14
N VAL A 71 -35.80 51.20 -11.06
CA VAL A 71 -35.57 51.85 -12.35
C VAL A 71 -36.74 51.51 -13.29
N ARG A 72 -37.33 52.54 -13.89
CA ARG A 72 -38.44 52.37 -14.83
C ARG A 72 -38.26 53.22 -16.08
N TYR A 73 -37.03 53.65 -16.37
CA TYR A 73 -36.71 54.45 -17.54
C TYR A 73 -35.48 53.88 -18.24
N ALA A 74 -35.47 52.57 -18.41
CA ALA A 74 -34.34 51.88 -19.03
C ALA A 74 -34.20 52.30 -20.49
N CYS A 75 -33.17 51.78 -21.14
CA CYS A 75 -32.89 52.04 -22.55
C CYS A 75 -33.30 50.88 -23.44
N CYS A 76 -34.19 50.01 -22.97
CA CYS A 76 -34.64 48.85 -23.72
C CYS A 76 -36.16 48.84 -23.80
N THR A 77 -36.67 48.20 -24.85
CA THR A 77 -38.09 48.10 -25.12
C THR A 77 -38.51 46.63 -25.10
N LYS A 78 -39.79 46.39 -25.40
CA LYS A 78 -40.29 45.03 -25.41
C LYS A 78 -39.57 44.18 -26.44
N ASP A 79 -39.35 44.73 -27.63
CA ASP A 79 -38.68 43.99 -28.69
C ASP A 79 -37.23 43.66 -28.34
N GLN A 80 -36.63 44.39 -27.41
CA GLN A 80 -35.24 44.16 -27.05
C GLN A 80 -35.11 43.17 -25.89
N VAL A 81 -35.95 43.31 -24.86
CA VAL A 81 -35.86 42.39 -23.72
C VAL A 81 -36.16 40.96 -24.16
N VAL A 82 -37.18 40.78 -25.01
CA VAL A 82 -37.52 39.43 -25.47
C VAL A 82 -36.34 38.82 -26.21
N ALA A 83 -35.71 39.59 -27.09
CA ALA A 83 -34.52 39.08 -27.78
C ALA A 83 -33.40 38.78 -26.79
N LEU A 84 -33.18 39.68 -25.83
CA LEU A 84 -32.18 39.41 -24.79
C LEU A 84 -32.56 38.21 -23.95
N ARG A 85 -33.85 38.10 -23.60
CA ARG A 85 -34.30 36.98 -22.78
C ARG A 85 -34.00 35.66 -23.45
N ASP A 86 -34.26 35.56 -24.75
CA ASP A 86 -34.00 34.32 -25.47
C ASP A 86 -32.51 33.98 -25.47
N ASN A 87 -31.65 35.00 -25.65
CA ASN A 87 -30.22 34.74 -25.77
C ASN A 87 -29.61 34.35 -24.42
N LEU A 88 -30.19 34.80 -23.30
CA LEU A 88 -29.67 34.42 -22.00
C LEU A 88 -30.01 32.96 -21.69
N GLN A 89 -31.21 32.52 -22.03
CA GLN A 89 -31.63 31.16 -21.69
C GLN A 89 -30.76 30.12 -22.39
N LYS A 90 -30.43 30.37 -23.67
CA LYS A 90 -29.64 29.39 -24.41
C LYS A 90 -28.30 29.11 -23.75
N ALA A 91 -27.74 30.11 -23.05
CA ALA A 91 -26.49 29.95 -22.33
C ALA A 91 -26.70 29.53 -20.87
N GLN A 92 -27.94 29.45 -20.42
CA GLN A 92 -28.19 29.07 -19.02
C GLN A 92 -27.65 27.69 -18.68
N PRO A 93 -27.87 26.65 -19.50
CA PRO A 93 -27.38 25.32 -19.11
C PRO A 93 -25.88 25.26 -18.90
N LEU A 94 -25.10 26.06 -19.63
CA LEU A 94 -23.65 26.00 -19.51
C LEU A 94 -23.18 26.45 -18.14
N ILE A 95 -23.77 27.52 -17.61
CA ILE A 95 -23.30 28.16 -16.39
C ILE A 95 -24.26 27.97 -15.23
N SER A 96 -25.34 27.20 -15.41
CA SER A 96 -26.29 26.98 -14.34
C SER A 96 -25.68 26.24 -13.15
N SER A 97 -24.56 25.56 -13.35
CA SER A 97 -23.95 24.80 -12.27
C SER A 97 -23.51 25.72 -11.13
N CYS A 98 -22.95 26.88 -11.47
CA CYS A 98 -22.46 27.83 -10.48
C CYS A 98 -23.35 29.07 -10.51
N PRO A 99 -24.26 29.24 -9.55
CA PRO A 99 -25.14 30.42 -9.58
C PRO A 99 -24.39 31.74 -9.59
N ALA A 100 -23.24 31.81 -8.93
CA ALA A 100 -22.49 33.07 -8.91
C ALA A 100 -22.14 33.51 -10.33
N CYS A 101 -21.63 32.59 -11.15
CA CYS A 101 -21.31 32.94 -12.53
C CYS A 101 -22.58 33.28 -13.30
N LEU A 102 -23.66 32.53 -13.07
CA LEU A 102 -24.90 32.79 -13.78
C LEU A 102 -25.40 34.20 -13.54
N LYS A 103 -25.37 34.65 -12.27
CA LYS A 103 -25.81 36.00 -11.97
C LYS A 103 -24.92 37.04 -12.65
N ASN A 104 -23.60 36.85 -12.57
CA ASN A 104 -22.69 37.78 -13.24
C ASN A 104 -22.92 37.77 -14.75
N PHE A 105 -23.10 36.59 -15.33
CA PHE A 105 -23.30 36.50 -16.77
C PHE A 105 -24.52 37.28 -17.21
N ASN A 106 -25.63 37.14 -16.48
CA ASN A 106 -26.84 37.85 -16.86
C ASN A 106 -26.75 39.33 -16.52
N ASN A 107 -26.04 39.68 -15.45
CA ASN A 107 -25.95 41.08 -15.06
C ASN A 107 -25.27 41.92 -16.15
N LEU A 108 -24.20 41.39 -16.75
CA LEU A 108 -23.47 42.15 -17.75
C LEU A 108 -24.37 42.54 -18.92
N PHE A 109 -25.09 41.56 -19.48
CA PHE A 109 -25.95 41.85 -20.62
C PHE A 109 -27.22 42.59 -20.21
N CYS A 110 -27.71 42.34 -18.99
CA CYS A 110 -28.90 43.06 -18.54
C CYS A 110 -28.64 44.57 -18.50
N HIS A 111 -27.48 44.97 -17.98
CA HIS A 111 -27.11 46.37 -17.99
C HIS A 111 -26.63 46.83 -19.36
N PHE A 112 -26.28 45.91 -20.25
CA PHE A 112 -25.82 46.28 -21.59
C PHE A 112 -26.92 47.01 -22.36
N THR A 113 -28.16 46.53 -22.26
CA THR A 113 -29.27 47.08 -23.02
C THR A 113 -30.29 47.84 -22.20
N CYS A 114 -30.36 47.60 -20.89
CA CYS A 114 -31.40 48.19 -20.06
C CYS A 114 -30.88 49.11 -18.97
N ALA A 115 -29.56 49.22 -18.80
CA ALA A 115 -29.03 50.13 -17.79
C ALA A 115 -29.41 51.56 -18.13
N ALA A 116 -29.91 52.30 -17.13
CA ALA A 116 -30.31 53.68 -17.36
C ALA A 116 -29.13 54.52 -17.83
N ASP A 117 -27.91 54.14 -17.47
CA ASP A 117 -26.69 54.82 -17.90
C ASP A 117 -25.97 54.04 -18.98
N GLN A 118 -26.73 53.43 -19.91
CA GLN A 118 -26.12 52.57 -20.93
C GLN A 118 -25.00 53.29 -21.66
N GLY A 119 -25.25 54.52 -22.10
CA GLY A 119 -24.24 55.27 -22.82
C GLY A 119 -23.06 55.70 -21.95
N ARG A 120 -23.21 55.67 -20.63
CA ARG A 120 -22.12 56.09 -19.75
C ARG A 120 -20.91 55.18 -19.91
N PHE A 121 -21.14 53.87 -20.04
CA PHE A 121 -20.08 52.90 -20.19
C PHE A 121 -20.03 52.26 -21.57
N VAL A 122 -21.02 52.50 -22.42
CA VAL A 122 -21.05 52.00 -23.79
C VAL A 122 -20.88 53.19 -24.73
N ASN A 123 -19.87 53.12 -25.59
CA ASN A 123 -19.58 54.17 -26.56
C ASN A 123 -19.70 53.59 -27.96
N ILE A 124 -20.65 54.12 -28.74
CA ILE A 124 -20.81 53.68 -30.12
C ILE A 124 -19.63 54.19 -30.95
N THR A 125 -19.21 53.38 -31.92
CA THR A 125 -18.07 53.70 -32.77
C THR A 125 -18.46 53.96 -34.21
N LYS A 126 -19.18 53.03 -34.84
CA LYS A 126 -19.58 53.16 -36.23
C LYS A 126 -21.03 52.75 -36.39
N VAL A 127 -21.69 53.32 -37.41
CA VAL A 127 -23.07 53.04 -37.71
C VAL A 127 -23.18 52.65 -39.18
N GLU A 128 -24.22 51.87 -39.50
CA GLU A 128 -24.42 51.36 -40.84
C GLU A 128 -25.90 51.52 -41.20
N LYS A 129 -26.22 51.22 -42.47
CA LYS A 129 -27.58 51.26 -42.97
C LYS A 129 -28.12 49.84 -43.08
N SER A 130 -29.28 49.60 -42.49
CA SER A 130 -29.90 48.29 -42.49
C SER A 130 -30.74 48.12 -43.76
N LYS A 131 -31.53 47.06 -43.81
CA LYS A 131 -32.34 46.79 -44.99
C LYS A 131 -33.35 47.91 -45.24
N GLU A 132 -33.83 48.55 -44.18
CA GLU A 132 -34.76 49.66 -44.26
C GLU A 132 -34.08 51.02 -44.29
N ASP A 133 -32.74 51.04 -44.41
CA ASP A 133 -31.97 52.28 -44.41
C ASP A 133 -32.02 52.99 -43.06
N LYS A 134 -32.23 52.23 -41.99
CA LYS A 134 -32.27 52.79 -40.65
C LYS A 134 -30.85 52.84 -40.09
N ASP A 135 -30.73 53.17 -38.80
CA ASP A 135 -29.44 53.29 -38.14
C ASP A 135 -29.15 52.00 -37.39
N ILE A 136 -28.06 51.33 -37.73
CA ILE A 136 -27.60 50.12 -37.07
C ILE A 136 -26.12 50.29 -36.73
N VAL A 137 -25.76 50.00 -35.48
CA VAL A 137 -24.39 50.20 -35.03
C VAL A 137 -23.54 49.04 -35.54
N ALA A 138 -22.47 49.37 -36.27
CA ALA A 138 -21.56 48.33 -36.75
C ALA A 138 -20.70 47.78 -35.61
N GLU A 139 -20.24 48.66 -34.72
CA GLU A 139 -19.43 48.24 -33.59
C GLU A 139 -19.53 49.31 -32.51
N LEU A 140 -19.18 48.93 -31.28
CA LEU A 140 -19.21 49.85 -30.16
C LEU A 140 -18.15 49.44 -29.15
N ASP A 141 -17.75 50.40 -28.33
CA ASP A 141 -16.71 50.20 -27.33
C ASP A 141 -17.35 50.20 -25.93
N VAL A 142 -17.01 49.20 -25.13
CA VAL A 142 -17.49 49.07 -23.77
C VAL A 142 -16.29 49.00 -22.83
N PHE A 143 -16.31 49.82 -21.78
CA PHE A 143 -15.24 49.88 -20.80
C PHE A 143 -15.78 49.47 -19.44
N MET A 144 -14.99 48.68 -18.70
CA MET A 144 -15.39 48.23 -17.39
C MET A 144 -14.16 48.12 -16.50
N ASN A 145 -14.40 48.13 -15.20
CA ASN A 145 -13.32 48.01 -14.23
C ASN A 145 -12.55 46.72 -14.45
N SER A 146 -11.23 46.81 -14.36
CA SER A 146 -10.39 45.62 -14.53
C SER A 146 -10.70 44.58 -13.46
N SER A 147 -10.91 45.03 -12.22
CA SER A 147 -11.23 44.09 -11.15
C SER A 147 -12.52 43.34 -11.45
N TRP A 148 -13.52 44.03 -11.98
CA TRP A 148 -14.80 43.38 -12.25
C TRP A 148 -14.63 42.27 -13.27
N ALA A 149 -13.84 42.52 -14.32
CA ALA A 149 -13.61 41.49 -15.33
C ALA A 149 -12.93 40.27 -14.73
N SER A 150 -11.93 40.49 -13.86
CA SER A 150 -11.26 39.37 -13.22
C SER A 150 -12.22 38.56 -12.38
N GLU A 151 -13.10 39.22 -11.62
CA GLU A 151 -14.07 38.50 -10.81
C GLU A 151 -15.00 37.66 -11.69
N PHE A 152 -15.47 38.24 -12.80
CA PHE A 152 -16.32 37.49 -13.72
C PHE A 152 -15.60 36.26 -14.24
N TYR A 153 -14.36 36.42 -14.71
CA TYR A 153 -13.61 35.27 -15.18
C TYR A 153 -13.36 34.27 -14.07
N ASP A 154 -13.07 34.76 -12.87
CA ASP A 154 -12.83 33.87 -11.74
C ASP A 154 -14.08 33.04 -11.42
N SER A 155 -15.26 33.68 -11.50
CA SER A 155 -16.48 32.96 -11.17
C SER A 155 -16.72 31.78 -12.10
N CYS A 156 -16.54 31.99 -13.42
CA CYS A 156 -16.78 30.96 -14.41
C CYS A 156 -15.51 30.26 -14.85
N LYS A 157 -14.48 30.26 -14.01
CA LYS A 157 -13.20 29.68 -14.40
C LYS A 157 -13.29 28.16 -14.48
N ASN A 158 -13.86 27.52 -13.45
CA ASN A 158 -13.78 26.08 -13.29
C ASN A 158 -15.12 25.38 -13.40
N ILE A 159 -16.11 26.01 -14.03
CA ILE A 159 -17.41 25.36 -14.20
C ILE A 159 -17.23 24.12 -15.07
N LYS A 160 -17.80 23.01 -14.63
CA LYS A 160 -17.64 21.73 -15.30
C LYS A 160 -18.94 21.38 -16.03
N PHE A 161 -18.83 21.08 -17.32
CA PHE A 161 -19.99 20.69 -18.10
C PHE A 161 -20.39 19.26 -17.76
N SER A 162 -21.70 18.99 -17.81
CA SER A 162 -22.22 17.70 -17.41
C SER A 162 -21.98 16.64 -18.49
N ALA A 163 -22.53 16.85 -19.68
CA ALA A 163 -22.40 15.85 -20.73
C ALA A 163 -20.94 15.66 -21.15
N THR A 164 -20.20 16.75 -21.29
CA THR A 164 -18.80 16.65 -21.71
C THR A 164 -17.89 16.17 -20.59
N ASN A 165 -18.31 16.31 -19.34
CA ASN A 165 -17.49 15.91 -18.19
C ASN A 165 -16.14 16.62 -18.23
N GLY A 166 -16.15 17.88 -18.65
CA GLY A 166 -14.94 18.66 -18.76
C GLY A 166 -15.23 20.12 -18.49
N TYR A 167 -14.18 20.94 -18.56
CA TYR A 167 -14.31 22.36 -18.29
C TYR A 167 -15.35 22.98 -19.22
N ALA A 168 -16.28 23.74 -18.65
CA ALA A 168 -17.28 24.44 -19.44
C ALA A 168 -16.78 25.76 -20.00
N MET A 169 -15.59 26.21 -19.58
CA MET A 169 -15.06 27.46 -20.11
C MET A 169 -14.80 27.35 -21.61
N ASP A 170 -14.54 26.13 -22.10
CA ASP A 170 -14.22 25.97 -23.51
C ASP A 170 -15.37 26.40 -24.40
N LEU A 171 -16.60 26.03 -24.05
CA LEU A 171 -17.74 26.36 -24.89
C LEU A 171 -18.15 27.83 -24.77
N ILE A 172 -17.98 28.42 -23.59
CA ILE A 172 -18.44 29.78 -23.36
C ILE A 172 -17.36 30.82 -23.67
N GLY A 173 -16.09 30.48 -23.48
CA GLY A 173 -15.01 31.43 -23.67
C GLY A 173 -13.97 30.98 -24.68
N GLY A 174 -14.25 29.87 -25.36
CA GLY A 174 -13.29 29.37 -26.34
C GLY A 174 -11.94 29.02 -25.74
N GLY A 175 -11.94 28.44 -24.55
CA GLY A 175 -10.69 28.07 -23.89
C GLY A 175 -9.84 29.26 -23.51
N ALA A 176 -10.46 30.38 -23.18
CA ALA A 176 -9.70 31.57 -22.79
C ALA A 176 -9.02 31.35 -21.46
N LYS A 177 -7.84 31.95 -21.30
CA LYS A 177 -7.08 31.85 -20.07
C LYS A 177 -7.08 33.14 -19.25
N ASN A 178 -7.43 34.27 -19.86
CA ASN A 178 -7.47 35.55 -19.16
C ASN A 178 -8.78 36.25 -19.48
N TYR A 179 -9.19 37.14 -18.58
CA TYR A 179 -10.47 37.82 -18.75
C TYR A 179 -10.52 38.59 -20.06
N SER A 180 -9.37 39.10 -20.53
CA SER A 180 -9.36 39.86 -21.77
C SER A 180 -9.77 38.99 -22.95
N GLN A 181 -9.25 37.77 -23.04
CA GLN A 181 -9.62 36.88 -24.13
C GLN A 181 -11.04 36.35 -23.95
N PHE A 182 -11.40 35.98 -22.73
CA PHE A 182 -12.73 35.44 -22.49
C PHE A 182 -13.80 36.44 -22.88
N LEU A 183 -13.64 37.69 -22.46
CA LEU A 183 -14.64 38.71 -22.78
C LEU A 183 -14.71 38.98 -24.27
N LYS A 184 -13.59 38.83 -24.98
CA LYS A 184 -13.60 39.09 -26.42
C LYS A 184 -14.54 38.14 -27.15
N PHE A 185 -14.52 36.85 -26.76
CA PHE A 185 -15.45 35.91 -27.37
C PHE A 185 -16.89 36.39 -27.22
N LEU A 186 -17.22 36.99 -26.08
CA LEU A 186 -18.55 37.54 -25.89
C LEU A 186 -18.81 38.68 -26.85
N GLY A 187 -17.82 39.55 -27.07
CA GLY A 187 -18.00 40.75 -27.84
C GLY A 187 -17.61 40.65 -29.30
N ASP A 188 -17.02 39.52 -29.70
CA ASP A 188 -16.59 39.36 -31.07
C ASP A 188 -17.79 39.30 -32.00
N ALA A 189 -17.60 39.77 -33.24
CA ALA A 189 -18.67 39.81 -34.23
C ALA A 189 -18.73 38.47 -34.94
N LYS A 190 -19.69 37.63 -34.53
CA LYS A 190 -19.89 36.30 -35.12
C LYS A 190 -21.37 36.13 -35.43
N PRO A 191 -21.82 36.66 -36.57
CA PRO A 191 -23.23 36.46 -36.94
C PRO A 191 -23.59 34.99 -37.07
N MET A 192 -22.65 34.15 -37.52
CA MET A 192 -22.88 32.72 -37.59
C MET A 192 -22.72 32.09 -36.21
N LEU A 193 -23.21 30.86 -36.09
CA LEU A 193 -23.11 30.09 -34.85
C LEU A 193 -23.87 30.76 -33.70
N GLY A 194 -24.87 31.57 -34.01
CA GLY A 194 -25.65 32.22 -32.97
C GLY A 194 -24.83 33.14 -32.09
N GLY A 195 -23.86 33.84 -32.67
CA GLY A 195 -23.02 34.76 -31.93
C GLY A 195 -23.59 36.16 -31.90
N SER A 196 -22.74 37.10 -31.52
CA SER A 196 -23.15 38.49 -31.45
C SER A 196 -23.41 39.04 -32.86
N PRO A 197 -24.29 40.04 -33.00
CA PRO A 197 -24.54 40.64 -34.32
C PRO A 197 -23.58 41.76 -34.69
N PHE A 198 -22.69 42.17 -33.78
CA PHE A 198 -21.76 43.25 -34.07
C PHE A 198 -20.54 43.09 -33.17
N GLN A 199 -19.47 43.81 -33.52
CA GLN A 199 -18.24 43.76 -32.76
C GLN A 199 -18.33 44.68 -31.55
N ILE A 200 -17.89 44.18 -30.40
CA ILE A 200 -17.89 44.94 -29.16
C ILE A 200 -16.45 44.98 -28.65
N ASN A 201 -15.93 46.20 -28.45
CA ASN A 201 -14.55 46.38 -27.99
C ASN A 201 -14.57 46.48 -26.47
N TYR A 202 -14.15 45.41 -25.81
CA TYR A 202 -14.07 45.38 -24.35
C TYR A 202 -12.70 45.91 -23.91
N LYS A 203 -12.51 47.21 -24.17
CA LYS A 203 -11.27 47.86 -23.81
C LYS A 203 -11.16 48.02 -22.30
N TYR A 204 -9.91 48.07 -21.82
CA TYR A 204 -9.61 48.20 -20.40
C TYR A 204 -8.68 49.38 -20.16
N ASP A 205 -8.94 50.50 -20.83
CA ASP A 205 -8.11 51.69 -20.69
C ASP A 205 -9.02 52.91 -20.88
N LEU A 206 -9.36 53.56 -19.77
CA LEU A 206 -10.22 54.73 -19.82
C LEU A 206 -9.84 55.67 -18.68
N ALA A 207 -10.11 56.96 -18.88
CA ALA A 207 -9.87 57.99 -17.88
C ALA A 207 -11.19 58.61 -17.47
N ASN A 208 -11.35 58.85 -16.16
CA ASN A 208 -12.58 59.39 -15.63
C ASN A 208 -12.72 60.90 -15.84
N GLU A 209 -11.68 61.57 -16.32
CA GLU A 209 -11.72 63.01 -16.53
C GLU A 209 -12.36 63.39 -17.85
N GLU A 210 -12.76 62.42 -18.68
CA GLU A 210 -13.40 62.74 -19.95
C GLU A 210 -14.78 63.36 -19.74
N LYS A 211 -15.43 63.06 -18.61
CA LYS A 211 -16.75 63.56 -18.27
C LYS A 211 -17.83 63.11 -19.26
N GLU A 212 -17.53 62.13 -20.09
CA GLU A 212 -18.49 61.60 -21.06
C GLU A 212 -18.65 60.09 -20.97
N TRP A 213 -17.57 59.36 -20.69
CA TRP A 213 -17.61 57.91 -20.61
C TRP A 213 -16.97 57.46 -19.31
N GLN A 214 -17.68 56.61 -18.57
CA GLN A 214 -17.19 56.06 -17.31
C GLN A 214 -17.25 54.54 -17.39
N GLU A 215 -16.16 53.88 -17.02
CA GLU A 215 -16.09 52.43 -17.12
C GLU A 215 -17.20 51.78 -16.30
N PHE A 216 -17.81 50.74 -16.87
CA PHE A 216 -18.88 50.04 -16.18
C PHE A 216 -18.38 49.41 -14.89
N ASN A 217 -19.16 49.57 -13.83
CA ASN A 217 -18.80 49.02 -12.53
C ASN A 217 -20.09 48.81 -11.73
N ASP A 218 -20.45 47.56 -11.50
CA ASP A 218 -21.67 47.22 -10.77
C ASP A 218 -21.36 46.09 -9.82
N GLU A 219 -22.40 45.56 -9.18
CA GLU A 219 -22.22 44.47 -8.23
C GLU A 219 -21.66 43.24 -8.93
N VAL A 220 -20.77 42.52 -8.23
CA VAL A 220 -20.20 41.27 -8.73
C VAL A 220 -20.23 40.26 -7.60
N TYR A 221 -20.19 38.98 -7.97
CA TYR A 221 -20.22 37.88 -7.02
C TYR A 221 -19.18 36.85 -7.41
N ALA A 222 -18.68 36.12 -6.42
CA ALA A 222 -17.65 35.11 -6.61
C ALA A 222 -18.13 33.78 -6.04
N CYS A 223 -17.30 32.74 -6.26
CA CYS A 223 -17.65 31.42 -5.76
C CYS A 223 -17.78 31.41 -4.24
N ASP A 224 -16.83 32.03 -3.54
CA ASP A 224 -16.83 31.99 -2.09
C ASP A 224 -18.03 32.70 -1.46
N ASP A 225 -18.78 33.47 -2.23
CA ASP A 225 -19.90 34.21 -1.68
C ASP A 225 -20.87 33.27 -0.98
N ALA A 226 -21.28 33.64 0.24
CA ALA A 226 -22.21 32.81 0.99
C ALA A 226 -23.57 32.74 0.31
N GLN A 227 -24.03 33.86 -0.25
CA GLN A 227 -25.35 33.89 -0.87
C GLN A 227 -25.39 33.02 -2.11
N TYR A 228 -24.58 33.37 -3.12
CA TYR A 228 -24.53 32.61 -4.37
C TYR A 228 -23.37 31.63 -4.32
N LYS A 229 -23.48 30.65 -3.43
CA LYS A 229 -22.46 29.62 -3.31
C LYS A 229 -22.43 28.76 -4.57
N CYS A 230 -21.29 28.10 -4.78
CA CYS A 230 -21.11 27.21 -5.91
C CYS A 230 -20.42 25.94 -5.47
N ALA A 231 -20.67 24.86 -6.20
CA ALA A 231 -20.11 23.56 -5.84
C ALA A 231 -18.58 23.59 -5.94
N CYS A 232 -17.94 22.82 -5.06
CA CYS A 232 -16.49 22.78 -5.05
C CYS A 232 -15.94 22.36 -6.41
N SER A 233 -16.60 21.41 -7.06
CA SER A 233 -16.16 20.98 -8.39
C SER A 233 -16.18 22.14 -9.37
N ASP A 234 -17.08 23.10 -9.18
CA ASP A 234 -17.22 24.23 -10.09
C ASP A 234 -16.35 25.42 -9.72
N CYS A 235 -15.67 25.38 -8.58
CA CYS A 235 -14.82 26.50 -8.18
C CYS A 235 -13.91 26.07 -7.05
N GLN A 236 -12.66 26.49 -7.10
CA GLN A 236 -11.67 26.08 -6.10
C GLN A 236 -11.93 26.73 -4.74
N GLU A 237 -12.45 27.96 -4.73
CA GLU A 237 -12.64 28.66 -3.48
C GLU A 237 -13.58 27.91 -2.55
N SER A 238 -14.67 27.36 -3.09
CA SER A 238 -15.63 26.64 -2.26
C SER A 238 -15.01 25.40 -1.63
N CYS A 239 -14.05 24.77 -2.28
CA CYS A 239 -13.48 23.53 -1.76
C CYS A 239 -12.80 23.80 -0.42
N PRO A 240 -12.73 22.78 0.45
CA PRO A 240 -12.15 23.00 1.78
C PRO A 240 -10.69 23.40 1.71
N HIS A 241 -10.39 24.64 2.07
CA HIS A 241 -9.03 25.16 2.01
C HIS A 241 -8.22 24.88 3.27
N LEU A 242 -8.84 24.39 4.33
CA LEU A 242 -8.12 24.15 5.58
C LEU A 242 -7.01 23.13 5.33
N LYS A 243 -7.40 21.89 5.04
CA LYS A 243 -6.48 20.83 4.67
C LYS A 243 -5.19 20.91 5.48
N PRO A 244 -5.25 20.62 6.79
CA PRO A 244 -4.05 20.75 7.60
C PRO A 244 -2.90 19.93 7.04
N LEU A 245 -1.71 20.53 7.03
CA LEU A 245 -0.56 19.89 6.41
C LEU A 245 -0.25 18.56 7.09
N LYS A 246 -0.03 17.53 6.29
CA LYS A 246 0.30 16.21 6.80
C LYS A 246 1.79 16.12 7.10
N ASP A 247 2.12 15.62 8.28
CA ASP A 247 3.52 15.47 8.67
C ASP A 247 3.59 14.43 9.78
N GLY A 248 4.22 13.30 9.49
CA GLY A 248 4.36 12.24 10.48
C GLY A 248 5.75 11.62 10.46
N VAL A 249 6.75 12.41 10.10
CA VAL A 249 8.13 11.95 10.02
C VAL A 249 9.02 12.91 10.80
N CYS A 250 10.17 12.41 11.23
CA CYS A 250 11.14 13.18 12.00
C CYS A 250 12.49 13.09 11.28
N LYS A 251 12.71 14.03 10.35
CA LYS A 251 13.96 14.10 9.61
C LYS A 251 14.47 15.54 9.64
N VAL A 252 15.75 15.69 9.97
CA VAL A 252 16.41 16.99 10.03
C VAL A 252 17.69 16.93 9.22
N GLY A 253 17.83 17.85 8.27
CA GLY A 253 19.01 17.89 7.44
C GLY A 253 19.08 16.73 6.47
N PRO A 254 20.27 16.44 5.95
CA PRO A 254 20.43 15.31 5.02
C PRO A 254 20.50 13.95 5.68
N LEU A 255 20.26 13.85 6.98
CA LEU A 255 20.30 12.60 7.72
C LEU A 255 19.07 12.51 8.62
N PRO A 256 18.69 11.32 9.04
CA PRO A 256 17.51 11.18 9.90
C PRO A 256 17.69 11.92 11.22
N CYS A 257 16.57 12.34 11.80
CA CYS A 257 16.62 13.10 13.04
C CYS A 257 17.36 12.34 14.13
N PHE A 258 17.08 11.04 14.27
CA PHE A 258 17.75 10.25 15.29
C PHE A 258 19.26 10.24 15.05
N SER A 259 19.67 10.16 13.78
CA SER A 259 21.10 10.20 13.48
C SER A 259 21.74 11.49 13.99
N LEU A 260 21.08 12.63 13.77
CA LEU A 260 21.58 13.88 14.31
C LEU A 260 21.54 13.88 15.84
N SER A 261 20.49 13.31 16.42
CA SER A 261 20.39 13.24 17.87
C SER A 261 21.55 12.44 18.45
N VAL A 262 21.86 11.28 17.86
CA VAL A 262 22.95 10.47 18.36
C VAL A 262 24.28 11.15 18.14
N LEU A 263 24.49 11.72 16.95
CA LEU A 263 25.75 12.40 16.67
C LEU A 263 25.95 13.59 17.60
N ILE A 264 24.89 14.35 17.86
CA ILE A 264 24.99 15.49 18.76
C ILE A 264 25.36 15.02 20.16
N PHE A 265 24.84 13.85 20.56
CA PHE A 265 25.17 13.31 21.87
C PHE A 265 26.67 13.03 21.99
N TYR A 266 27.28 12.48 20.95
CA TYR A 266 28.70 12.17 20.99
C TYR A 266 29.53 13.42 21.21
N THR A 267 29.22 14.51 20.48
CA THR A 267 29.98 15.73 20.62
C THR A 267 29.87 16.30 22.03
N ILE A 268 28.63 16.45 22.53
CA ILE A 268 28.45 17.02 23.86
C ILE A 268 28.93 16.04 24.93
N CYS A 269 28.62 14.76 24.78
CA CYS A 269 29.03 13.79 25.78
C CYS A 269 30.54 13.71 25.91
N ALA A 270 31.24 13.72 24.77
CA ALA A 270 32.71 13.66 24.82
C ALA A 270 33.29 14.86 25.54
N LEU A 271 32.63 16.02 25.46
CA LEU A 271 33.15 17.21 26.13
C LEU A 271 33.22 17.01 27.63
N PHE A 272 32.16 16.43 28.22
CA PHE A 272 32.16 16.19 29.66
C PHE A 272 33.27 15.21 30.05
N ALA A 273 33.40 14.11 29.31
CA ALA A 273 34.41 13.11 29.64
C ALA A 273 35.81 13.68 29.49
N PHE A 274 36.05 14.44 28.41
CA PHE A 274 37.38 15.00 28.18
C PHE A 274 37.79 15.95 29.31
N MET A 275 36.86 16.79 29.78
CA MET A 275 37.20 17.75 30.82
C MET A 275 37.59 17.05 32.11
N TRP A 276 36.89 15.96 32.46
CA TRP A 276 37.20 15.25 33.70
C TRP A 276 38.63 14.69 33.66
N TYR A 277 39.01 14.09 32.53
CA TYR A 277 40.36 13.54 32.42
C TYR A 277 41.42 14.63 32.51
N TYR A 278 41.21 15.75 31.80
CA TYR A 278 42.19 16.83 31.83
C TYR A 278 42.29 17.44 33.23
N LEU A 279 41.16 17.66 33.88
CA LEU A 279 41.14 18.27 35.21
C LEU A 279 41.84 17.37 36.23
N VAL A 308 28.66 -8.85 45.63
CA VAL A 308 27.94 -8.29 44.49
C VAL A 308 26.50 -7.98 44.88
N PHE A 309 26.28 -7.75 46.18
CA PHE A 309 24.98 -7.44 46.78
C PHE A 309 24.03 -8.64 46.76
N GLU A 310 24.44 -9.79 46.24
CA GLU A 310 23.60 -10.98 46.23
C GLU A 310 23.78 -11.83 47.48
N SER A 311 24.71 -11.48 48.36
CA SER A 311 24.85 -12.22 49.61
C SER A 311 23.59 -12.11 50.45
N PHE A 312 23.02 -10.91 50.54
CA PHE A 312 21.75 -10.73 51.22
C PHE A 312 20.62 -11.38 50.42
N ASN A 313 19.62 -11.89 51.13
CA ASN A 313 18.52 -12.63 50.52
C ASN A 313 19.05 -13.84 49.76
N ASN A 314 19.64 -14.77 50.52
CA ASN A 314 20.28 -15.95 49.94
C ASN A 314 19.29 -16.92 49.31
N GLU A 315 18.00 -16.60 49.26
CA GLU A 315 17.04 -17.47 48.59
C GLU A 315 17.49 -17.77 47.16
N THR A 316 18.05 -16.78 46.49
CA THR A 316 18.60 -17.00 45.15
C THR A 316 19.93 -17.74 45.19
N ASN A 317 20.68 -17.62 46.29
CA ASN A 317 21.98 -18.27 46.38
C ASN A 317 21.84 -19.78 46.36
N PHE A 318 20.84 -20.33 47.05
CA PHE A 318 20.66 -21.78 47.09
C PHE A 318 20.28 -22.35 45.74
N PHE A 319 19.86 -21.50 44.79
CA PHE A 319 19.46 -21.99 43.48
C PHE A 319 20.63 -22.66 42.76
N ASN A 320 21.81 -22.06 42.80
CA ASN A 320 22.96 -22.63 42.12
C ASN A 320 23.40 -23.95 42.73
N GLY A 321 22.96 -24.27 43.95
CA GLY A 321 23.33 -25.52 44.59
C GLY A 321 22.43 -26.67 44.22
N LYS A 322 21.12 -26.51 44.43
CA LYS A 322 20.19 -27.59 44.14
C LYS A 322 20.14 -27.92 42.67
N LEU A 323 20.32 -26.92 41.80
CA LEU A 323 20.25 -27.17 40.37
C LEU A 323 21.30 -28.18 39.92
N ALA A 324 22.52 -28.05 40.42
CA ALA A 324 23.57 -29.00 40.06
C ALA A 324 23.21 -30.40 40.53
N ASN A 325 22.65 -30.52 41.73
CA ASN A 325 22.26 -31.84 42.24
C ASN A 325 21.17 -32.46 41.37
N LEU A 326 20.19 -31.65 40.95
CA LEU A 326 19.10 -32.19 40.14
C LEU A 326 19.61 -32.75 38.82
N PHE A 327 20.52 -32.04 38.16
CA PHE A 327 21.04 -32.51 36.88
C PHE A 327 21.98 -33.69 37.06
N THR A 328 22.61 -33.80 38.24
CA THR A 328 23.43 -34.97 38.52
C THR A 328 22.57 -36.23 38.50
N LYS A 329 21.39 -36.17 39.11
CA LYS A 329 20.49 -37.32 39.08
C LYS A 329 20.07 -37.65 37.65
N VAL A 330 19.76 -36.63 36.86
CA VAL A 330 19.42 -36.86 35.46
C VAL A 330 20.62 -37.47 34.72
N GLY A 331 21.82 -36.93 34.96
CA GLY A 331 23.00 -37.54 34.38
C GLY A 331 23.24 -38.94 34.90
N GLN A 332 23.03 -39.14 36.20
CA GLN A 332 23.19 -40.48 36.77
C GLN A 332 22.19 -41.46 36.17
N PHE A 333 20.94 -41.05 36.03
CA PHE A 333 19.92 -41.95 35.50
C PHE A 333 20.10 -42.20 34.02
N SER A 334 20.71 -41.27 33.30
CA SER A 334 20.88 -41.41 31.86
C SER A 334 22.13 -42.19 31.46
N VAL A 335 23.01 -42.50 32.42
CA VAL A 335 24.22 -43.26 32.14
C VAL A 335 24.06 -44.68 32.67
N GLU A 336 23.32 -44.83 33.76
CA GLU A 336 23.08 -46.15 34.32
C GLU A 336 22.02 -46.93 33.56
N ASN A 337 21.18 -46.25 32.78
CA ASN A 337 20.14 -46.90 31.97
C ASN A 337 20.21 -46.38 30.54
N PRO A 338 21.33 -46.61 29.85
CA PRO A 338 21.44 -46.09 28.48
C PRO A 338 20.43 -46.67 27.52
N TYR A 339 20.06 -47.94 27.67
CA TYR A 339 19.12 -48.55 26.74
C TYR A 339 17.70 -48.05 26.98
N LYS A 340 17.26 -47.99 28.24
CA LYS A 340 15.90 -47.56 28.52
C LYS A 340 15.63 -46.16 27.97
N ILE A 341 16.67 -45.33 27.89
CA ILE A 341 16.50 -43.97 27.38
C ILE A 341 16.68 -43.92 25.86
N LEU A 342 17.51 -44.78 25.30
CA LEU A 342 17.74 -44.75 23.85
C LEU A 342 16.58 -45.36 23.09
N ILE A 343 15.98 -46.43 23.62
CA ILE A 343 14.84 -47.04 22.94
C ILE A 343 13.68 -46.07 22.86
N THR A 344 13.41 -45.35 23.95
CA THR A 344 12.31 -44.39 23.94
C THR A 344 12.56 -43.29 22.91
N THR A 345 13.79 -42.78 22.84
CA THR A 345 14.09 -41.78 21.83
C THR A 345 13.87 -42.32 20.42
N VAL A 346 14.30 -43.55 20.17
CA VAL A 346 14.05 -44.17 18.88
C VAL A 346 12.56 -44.38 18.68
N PHE A 347 11.84 -44.74 19.75
CA PHE A 347 10.40 -44.90 19.64
C PHE A 347 9.72 -43.57 19.36
N SER A 348 10.18 -42.50 20.01
CA SER A 348 9.54 -41.19 19.83
C SER A 348 9.68 -40.72 18.39
N ILE A 349 10.87 -40.86 17.79
CA ILE A 349 11.06 -40.46 16.41
C ILE A 349 10.37 -41.41 15.43
N PHE A 350 9.73 -42.46 15.92
CA PHE A 350 8.85 -43.30 15.11
C PHE A 350 7.40 -42.87 15.26
N VAL A 351 6.93 -42.71 16.49
CA VAL A 351 5.55 -42.29 16.71
C VAL A 351 5.33 -40.89 16.14
N PHE A 352 6.30 -39.99 16.37
CA PHE A 352 6.17 -38.65 15.84
C PHE A 352 6.36 -38.64 14.32
N SER A 353 7.26 -39.49 13.82
CA SER A 353 7.38 -39.63 12.37
C SER A 353 6.08 -40.08 11.74
N PHE A 354 5.30 -40.89 12.46
CA PHE A 354 3.97 -41.26 11.98
C PHE A 354 3.07 -40.03 11.87
N ILE A 355 3.10 -39.17 12.88
CA ILE A 355 2.19 -38.02 12.90
C ILE A 355 2.57 -37.02 11.81
N ILE A 356 3.85 -36.69 11.69
CA ILE A 356 4.27 -35.64 10.77
C ILE A 356 3.98 -36.05 9.34
N PHE A 357 3.91 -37.35 9.06
CA PHE A 357 3.74 -37.83 7.69
C PHE A 357 2.27 -38.06 7.34
N GLN A 358 1.57 -38.89 8.12
CA GLN A 358 0.24 -39.36 7.76
C GLN A 358 -0.88 -38.64 8.51
N TYR A 359 -0.82 -38.61 9.84
CA TYR A 359 -1.95 -38.11 10.62
C TYR A 359 -2.31 -36.68 10.23
N ALA A 360 -1.33 -35.79 10.20
CA ALA A 360 -1.61 -34.41 9.85
C ALA A 360 -0.34 -33.63 9.55
N THR A 361 -0.31 -32.94 8.40
CA THR A 361 0.78 -32.04 8.06
C THR A 361 0.31 -31.16 6.93
N LEU A 362 0.21 -29.85 7.17
CA LEU A 362 -0.33 -28.93 6.19
C LEU A 362 0.45 -27.63 6.19
N GLU A 363 0.55 -27.02 5.01
CA GLU A 363 1.11 -25.70 4.85
C GLU A 363 -0.03 -24.68 4.89
N THR A 364 0.24 -23.44 4.50
CA THR A 364 -0.75 -22.38 4.55
C THR A 364 -0.68 -21.53 3.28
N ASP A 365 -1.78 -20.81 3.01
CA ASP A 365 -1.91 -19.98 1.82
C ASP A 365 -1.28 -18.61 2.04
N PRO A 366 -1.01 -17.87 0.95
CA PRO A 366 -0.31 -16.58 1.11
C PRO A 366 -1.02 -15.60 2.03
N ILE A 367 -2.35 -15.59 2.02
CA ILE A 367 -3.07 -14.70 2.93
C ILE A 367 -2.86 -15.12 4.38
N ASN A 368 -2.91 -16.43 4.64
CA ASN A 368 -2.72 -16.91 6.01
C ASN A 368 -1.31 -16.64 6.51
N LEU A 369 -0.31 -16.80 5.63
CA LEU A 369 1.08 -16.63 6.06
C LEU A 369 1.36 -15.22 6.53
N TRP A 370 0.86 -14.22 5.81
CA TRP A 370 1.34 -12.85 5.97
C TRP A 370 0.45 -12.03 6.91
N VAL A 371 -0.87 -12.06 6.72
CA VAL A 371 -1.79 -11.20 7.44
C VAL A 371 -2.52 -12.00 8.51
N SER A 372 -2.56 -11.47 9.72
CA SER A 372 -3.31 -12.09 10.79
C SER A 372 -4.80 -11.84 10.61
N LYS A 373 -5.60 -12.85 10.96
CA LYS A 373 -7.05 -12.76 10.75
C LYS A 373 -7.72 -11.76 11.66
N ASN A 374 -7.07 -11.33 12.73
CA ASN A 374 -7.67 -10.38 13.67
C ASN A 374 -7.36 -8.93 13.35
N SER A 375 -6.49 -8.66 12.39
CA SER A 375 -6.14 -7.29 12.06
C SER A 375 -7.36 -6.53 11.58
N GLU A 376 -7.44 -5.26 11.98
CA GLU A 376 -8.59 -4.44 11.60
C GLU A 376 -8.75 -4.40 10.09
N LYS A 377 -7.65 -4.42 9.35
CA LYS A 377 -7.74 -4.42 7.89
C LYS A 377 -8.40 -5.69 7.38
N PHE A 378 -8.08 -6.84 7.99
CA PHE A 378 -8.71 -8.09 7.55
C PHE A 378 -10.19 -8.13 7.91
N LYS A 379 -10.55 -7.59 9.08
CA LYS A 379 -11.96 -7.52 9.44
C LYS A 379 -12.72 -6.66 8.43
N GLU A 380 -12.08 -5.61 7.93
CA GLU A 380 -12.71 -4.78 6.91
C GLU A 380 -12.80 -5.52 5.57
N LYS A 381 -11.78 -6.31 5.24
CA LYS A 381 -11.81 -7.07 4.00
C LYS A 381 -12.96 -8.07 3.99
N GLU A 382 -13.22 -8.71 5.13
CA GLU A 382 -14.35 -9.64 5.22
C GLU A 382 -15.66 -8.91 4.96
N TYR A 383 -15.83 -7.72 5.53
CA TYR A 383 -17.04 -6.95 5.28
C TYR A 383 -17.19 -6.60 3.81
N PHE A 384 -16.09 -6.17 3.18
CA PHE A 384 -16.16 -5.81 1.77
C PHE A 384 -16.49 -7.03 0.91
N ASP A 385 -15.81 -8.15 1.16
CA ASP A 385 -16.09 -9.35 0.38
C ASP A 385 -17.50 -9.85 0.63
N ASP A 386 -17.96 -9.80 1.88
CA ASP A 386 -19.29 -10.31 2.20
C ASP A 386 -20.37 -9.52 1.48
N ASN A 387 -20.23 -8.20 1.41
CA ASN A 387 -21.27 -7.34 0.83
C ASN A 387 -21.04 -7.07 -0.65
N PHE A 388 -19.90 -6.48 -1.00
CA PHE A 388 -19.62 -6.05 -2.35
C PHE A 388 -18.87 -7.08 -3.17
N GLY A 389 -18.73 -8.30 -2.66
CA GLY A 389 -18.12 -9.38 -3.41
C GLY A 389 -16.62 -9.28 -3.45
N PRO A 390 -15.95 -10.42 -3.59
CA PRO A 390 -14.48 -10.40 -3.64
C PRO A 390 -13.99 -9.65 -4.85
N PHE A 391 -12.81 -9.05 -4.71
CA PHE A 391 -12.23 -8.31 -5.82
C PHE A 391 -11.95 -9.26 -6.98
N TYR A 392 -12.01 -8.73 -8.19
CA TYR A 392 -11.88 -9.56 -9.39
C TYR A 392 -10.51 -10.20 -9.44
N ARG A 393 -10.43 -11.37 -10.09
CA ARG A 393 -9.15 -11.98 -10.37
C ARG A 393 -8.58 -11.34 -11.64
N THR A 394 -7.44 -10.68 -11.50
CA THR A 394 -6.86 -9.89 -12.58
C THR A 394 -5.76 -10.69 -13.27
N GLU A 395 -5.85 -10.81 -14.58
CA GLU A 395 -4.87 -11.53 -15.40
C GLU A 395 -4.31 -10.53 -16.41
N GLN A 396 -3.30 -9.77 -15.99
CA GLN A 396 -2.71 -8.78 -16.87
C GLN A 396 -1.86 -9.44 -17.95
N ILE A 397 -1.88 -8.84 -19.14
CA ILE A 397 -1.03 -9.27 -20.24
C ILE A 397 -0.47 -8.02 -20.90
N PHE A 398 0.84 -7.99 -21.10
CA PHE A 398 1.52 -6.85 -21.69
C PHE A 398 2.08 -7.25 -23.05
N VAL A 399 1.80 -6.45 -24.07
CA VAL A 399 2.41 -6.58 -25.38
C VAL A 399 3.25 -5.33 -25.61
N VAL A 400 4.56 -5.52 -25.74
CA VAL A 400 5.52 -4.42 -25.71
C VAL A 400 6.32 -4.41 -27.01
N ASN A 401 6.42 -3.24 -27.62
CA ASN A 401 7.35 -2.98 -28.73
C ASN A 401 8.45 -2.11 -28.15
N GLU A 402 9.60 -2.73 -27.85
CA GLU A 402 10.63 -2.04 -27.08
C GLU A 402 11.11 -0.79 -27.79
N THR A 403 11.34 -0.86 -29.09
CA THR A 403 11.94 0.22 -29.86
C THR A 403 10.93 1.04 -30.65
N GLY A 404 9.63 0.88 -30.36
CA GLY A 404 8.61 1.62 -31.07
C GLY A 404 7.23 1.37 -30.51
N PRO A 405 6.21 1.91 -31.17
CA PRO A 405 4.83 1.66 -30.73
C PRO A 405 4.29 0.33 -31.25
N VAL A 406 3.61 -0.39 -30.37
CA VAL A 406 3.06 -1.70 -30.73
C VAL A 406 2.00 -1.55 -31.82
N LEU A 407 1.10 -0.58 -31.66
CA LEU A 407 -0.02 -0.42 -32.56
C LEU A 407 0.44 -0.34 -34.01
N SER A 408 0.04 -1.31 -34.82
CA SER A 408 0.42 -1.37 -36.22
C SER A 408 -0.58 -2.24 -36.96
N TYR A 409 -0.43 -2.28 -38.28
CA TYR A 409 -1.32 -3.12 -39.09
C TYR A 409 -1.09 -4.60 -38.81
N GLU A 410 0.16 -5.00 -38.60
CA GLU A 410 0.45 -6.40 -38.32
C GLU A 410 -0.06 -6.82 -36.95
N THR A 411 0.22 -6.02 -35.92
CA THR A 411 -0.09 -6.43 -34.56
C THR A 411 -1.58 -6.33 -34.28
N LEU A 412 -2.23 -5.25 -34.72
CA LEU A 412 -3.66 -5.09 -34.46
C LEU A 412 -4.45 -6.25 -35.04
N HIS A 413 -4.14 -6.64 -36.28
CA HIS A 413 -4.79 -7.78 -36.89
C HIS A 413 -4.43 -9.08 -36.15
N TRP A 414 -3.16 -9.22 -35.77
CA TRP A 414 -2.72 -10.47 -35.13
C TRP A 414 -3.33 -10.64 -33.75
N TRP A 415 -3.26 -9.60 -32.91
CA TRP A 415 -3.76 -9.74 -31.55
C TRP A 415 -5.25 -10.05 -31.53
N PHE A 416 -6.02 -9.38 -32.40
CA PHE A 416 -7.45 -9.63 -32.44
C PHE A 416 -7.75 -11.11 -32.70
N ASP A 417 -6.85 -11.80 -33.39
CA ASP A 417 -6.99 -13.23 -33.62
C ASP A 417 -6.31 -14.07 -32.55
N VAL A 418 -5.75 -13.44 -31.52
CA VAL A 418 -5.27 -14.16 -30.36
C VAL A 418 -6.00 -13.74 -29.08
N GLU A 419 -6.53 -12.52 -29.03
CA GLU A 419 -7.43 -12.14 -27.95
C GLU A 419 -8.82 -12.72 -28.14
N ASN A 420 -9.17 -13.12 -29.36
CA ASN A 420 -10.41 -13.84 -29.62
C ASN A 420 -10.27 -15.34 -29.39
N PHE A 421 -9.09 -15.80 -29.01
CA PHE A 421 -8.87 -17.19 -28.61
C PHE A 421 -8.96 -17.34 -27.10
N ILE A 422 -8.31 -16.44 -26.36
CA ILE A 422 -8.33 -16.52 -24.90
C ILE A 422 -9.75 -16.34 -24.38
N THR A 423 -10.47 -15.36 -24.91
CA THR A 423 -11.75 -14.96 -24.35
C THR A 423 -12.95 -15.65 -25.00
N GLU A 424 -12.75 -16.47 -26.03
CA GLU A 424 -13.85 -17.11 -26.72
C GLU A 424 -13.80 -18.63 -26.64
N GLU A 425 -12.69 -19.24 -27.04
CA GLU A 425 -12.60 -20.68 -27.21
C GLU A 425 -11.35 -21.23 -26.54
N LEU A 426 -11.14 -20.88 -25.27
CA LEU A 426 -10.00 -21.39 -24.52
C LEU A 426 -10.48 -22.31 -23.40
N GLN A 427 -11.39 -23.22 -23.73
CA GLN A 427 -11.90 -24.15 -22.74
C GLN A 427 -10.74 -24.90 -22.08
N SER A 428 -10.75 -24.94 -20.75
CA SER A 428 -9.72 -25.61 -19.99
C SER A 428 -10.00 -27.11 -19.95
N SER A 429 -9.25 -27.84 -19.12
CA SER A 429 -9.46 -29.28 -19.02
C SER A 429 -10.88 -29.60 -18.54
N GLU A 430 -11.42 -28.79 -17.64
CA GLU A 430 -12.80 -28.95 -17.19
C GLU A 430 -13.80 -28.56 -18.27
N ASN A 431 -13.33 -28.04 -19.41
CA ASN A 431 -14.20 -27.61 -20.51
C ASN A 431 -15.05 -26.41 -20.10
N ILE A 432 -14.39 -25.39 -19.57
CA ILE A 432 -15.02 -24.12 -19.20
C ILE A 432 -14.24 -23.00 -19.86
N GLY A 433 -14.90 -22.24 -20.72
CA GLY A 433 -14.27 -21.12 -21.40
C GLY A 433 -14.21 -19.89 -20.53
N TYR A 434 -13.62 -18.83 -21.09
CA TYR A 434 -13.56 -17.56 -20.38
C TYR A 434 -14.96 -17.00 -20.14
N GLN A 435 -15.86 -17.17 -21.11
CA GLN A 435 -17.20 -16.60 -20.98
C GLN A 435 -17.90 -17.09 -19.72
N ASP A 436 -17.70 -18.36 -19.37
CA ASP A 436 -18.34 -18.90 -18.17
C ASP A 436 -17.80 -18.22 -16.91
N LEU A 437 -16.50 -17.96 -16.88
CA LEU A 437 -15.85 -17.42 -15.69
C LEU A 437 -15.75 -15.90 -15.69
N CYS A 438 -15.87 -15.26 -16.84
CA CYS A 438 -15.63 -13.82 -16.93
C CYS A 438 -16.68 -13.06 -16.14
N PHE A 439 -16.32 -11.82 -15.77
CA PHE A 439 -17.11 -11.00 -14.86
C PHE A 439 -18.04 -10.11 -15.67
N ARG A 440 -19.35 -10.22 -15.41
CA ARG A 440 -20.36 -9.44 -16.10
C ARG A 440 -20.97 -8.42 -15.15
N PRO A 441 -21.01 -7.14 -15.50
CA PRO A 441 -21.68 -6.17 -14.62
C PRO A 441 -23.12 -6.56 -14.34
N THR A 442 -23.82 -7.08 -15.34
CA THR A 442 -25.17 -7.60 -15.17
C THR A 442 -25.38 -8.71 -16.19
N GLU A 443 -26.35 -9.58 -15.90
CA GLU A 443 -26.53 -10.77 -16.72
C GLU A 443 -26.76 -10.40 -18.18
N ASP A 444 -27.56 -9.37 -18.44
CA ASP A 444 -27.83 -8.98 -19.81
C ASP A 444 -26.56 -8.60 -20.54
N SER A 445 -25.68 -7.84 -19.88
CA SER A 445 -24.49 -7.32 -20.52
C SER A 445 -23.39 -8.39 -20.57
N THR A 446 -22.62 -8.36 -21.65
CA THR A 446 -21.45 -9.23 -21.74
C THR A 446 -20.40 -8.80 -20.73
N CYS A 447 -19.37 -9.61 -20.58
CA CYS A 447 -18.38 -9.37 -19.53
C CYS A 447 -17.30 -8.43 -20.01
N VAL A 448 -16.44 -8.03 -19.07
CA VAL A 448 -15.48 -6.94 -19.27
C VAL A 448 -14.13 -7.52 -19.67
N ILE A 449 -13.49 -6.88 -20.64
CA ILE A 449 -12.14 -7.20 -21.08
C ILE A 449 -11.40 -5.87 -21.14
N GLU A 450 -10.60 -5.58 -20.11
CA GLU A 450 -9.92 -4.28 -20.06
C GLU A 450 -8.81 -4.25 -21.08
N SER A 451 -9.18 -4.18 -22.36
CA SER A 451 -8.23 -4.15 -23.46
C SER A 451 -8.73 -3.15 -24.49
N PHE A 452 -7.80 -2.60 -25.26
CA PHE A 452 -8.19 -1.70 -26.34
C PHE A 452 -8.97 -2.43 -27.43
N THR A 453 -8.97 -3.75 -27.44
CA THR A 453 -9.77 -4.50 -28.39
C THR A 453 -11.26 -4.22 -28.19
N GLN A 454 -11.68 -3.96 -26.96
CA GLN A 454 -13.09 -3.69 -26.71
C GLN A 454 -13.58 -2.47 -27.45
N TYR A 455 -12.69 -1.55 -27.82
CA TYR A 455 -13.06 -0.49 -28.75
C TYR A 455 -13.41 -1.13 -30.09
N PHE A 456 -14.35 -0.50 -30.80
CA PHE A 456 -14.94 -1.06 -32.01
C PHE A 456 -15.83 -2.26 -31.70
N GLN A 457 -16.29 -2.39 -30.46
CA GLN A 457 -17.15 -3.49 -30.04
C GLN A 457 -16.46 -4.84 -30.22
N GLY A 458 -15.13 -4.84 -30.23
CA GLY A 458 -14.38 -6.07 -30.32
C GLY A 458 -14.19 -6.63 -31.71
N ALA A 459 -14.75 -5.98 -32.73
CA ALA A 459 -14.62 -6.44 -34.11
C ALA A 459 -13.54 -5.65 -34.83
N LEU A 460 -12.99 -6.26 -35.87
CA LEU A 460 -11.92 -5.62 -36.63
C LEU A 460 -12.41 -4.30 -37.20
N PRO A 461 -11.72 -3.19 -36.97
CA PRO A 461 -12.15 -1.90 -37.52
C PRO A 461 -11.76 -1.65 -38.96
N ASN A 462 -11.32 -2.68 -39.69
CA ASN A 462 -10.87 -2.52 -41.06
C ASN A 462 -9.55 -1.77 -41.09
N LYS A 463 -8.68 -2.11 -42.04
CA LYS A 463 -7.36 -1.47 -42.14
C LYS A 463 -7.41 -0.23 -43.04
N ASP A 464 -8.37 0.65 -42.77
CA ASP A 464 -8.53 1.88 -43.53
C ASP A 464 -8.54 3.10 -42.64
N SER A 465 -9.17 3.04 -41.47
CA SER A 465 -9.27 4.20 -40.58
C SER A 465 -9.09 3.79 -39.13
N TRP A 466 -8.30 2.74 -38.86
CA TRP A 466 -8.11 2.30 -37.49
C TRP A 466 -7.42 3.37 -36.65
N LYS A 467 -6.43 4.05 -37.22
CA LYS A 467 -5.71 5.08 -36.47
C LYS A 467 -6.67 6.18 -36.01
N ARG A 468 -7.47 6.70 -36.94
CA ARG A 468 -8.39 7.78 -36.58
C ARG A 468 -9.46 7.31 -35.62
N GLU A 469 -10.02 6.12 -35.85
CA GLU A 469 -11.12 5.64 -35.02
C GLU A 469 -10.68 5.42 -33.57
N LEU A 470 -9.51 4.83 -33.38
CA LEU A 470 -9.04 4.55 -32.02
C LEU A 470 -8.77 5.84 -31.26
N GLN A 471 -8.26 6.86 -31.95
CA GLN A 471 -7.96 8.12 -31.28
C GLN A 471 -9.22 8.74 -30.68
N GLU A 472 -10.31 8.76 -31.45
CA GLU A 472 -11.52 9.44 -30.98
C GLU A 472 -12.07 8.77 -29.72
N CYS A 473 -12.10 7.44 -29.69
CA CYS A 473 -12.67 6.75 -28.54
C CYS A 473 -11.88 7.05 -27.27
N GLY A 474 -10.55 7.09 -27.37
CA GLY A 474 -9.75 7.36 -26.19
C GLY A 474 -10.05 8.71 -25.56
N LYS A 475 -10.20 9.74 -26.39
CA LYS A 475 -10.44 11.08 -25.87
C LYS A 475 -11.75 11.14 -25.10
N PHE A 476 -12.81 10.55 -25.64
CA PHE A 476 -14.15 10.56 -25.04
C PHE A 476 -14.67 9.13 -24.99
N PRO A 477 -14.32 8.37 -23.96
CA PRO A 477 -14.81 6.98 -23.88
C PRO A 477 -16.32 6.87 -23.81
N VAL A 478 -17.02 7.95 -23.45
CA VAL A 478 -18.47 7.88 -23.30
C VAL A 478 -19.12 7.55 -24.65
N ASN A 479 -18.65 8.18 -25.72
CA ASN A 479 -19.25 7.96 -27.04
C ASN A 479 -18.83 6.62 -27.64
N CYS A 480 -17.88 5.92 -27.04
CA CYS A 480 -17.44 4.62 -27.53
C CYS A 480 -17.68 3.55 -26.47
N LEU A 481 -18.86 3.56 -25.86
CA LEU A 481 -19.15 2.63 -24.78
C LEU A 481 -18.95 1.20 -25.26
N PRO A 482 -18.18 0.37 -24.54
CA PRO A 482 -17.94 -0.99 -25.02
C PRO A 482 -19.19 -1.86 -24.93
N THR A 483 -19.04 -3.14 -25.29
CA THR A 483 -20.18 -4.05 -25.29
C THR A 483 -20.77 -4.25 -23.91
N PHE A 484 -20.04 -3.90 -22.85
CA PHE A 484 -20.51 -4.07 -21.48
C PHE A 484 -21.05 -2.77 -20.88
N GLN A 485 -21.13 -1.70 -21.66
CA GLN A 485 -21.66 -0.42 -21.19
C GLN A 485 -20.88 0.08 -19.98
N GLN A 486 -19.57 0.16 -20.13
CA GLN A 486 -18.70 0.68 -19.08
C GLN A 486 -17.53 1.43 -19.70
N PRO A 487 -17.34 2.71 -19.41
CA PRO A 487 -16.27 3.46 -20.06
C PRO A 487 -14.89 2.90 -19.73
N LEU A 488 -13.99 2.98 -20.70
CA LEU A 488 -12.64 2.46 -20.56
C LEU A 488 -11.65 3.61 -20.68
N LYS A 489 -10.96 3.92 -19.58
CA LYS A 489 -9.97 4.98 -19.60
C LYS A 489 -8.75 4.53 -20.39
N THR A 490 -8.09 5.49 -21.05
CA THR A 490 -6.94 5.17 -21.88
C THR A 490 -5.70 4.86 -21.07
N ASN A 491 -5.64 5.31 -19.82
CA ASN A 491 -4.44 5.05 -19.00
C ASN A 491 -4.29 3.56 -18.72
N LEU A 492 -5.40 2.87 -18.42
CA LEU A 492 -5.32 1.45 -18.12
C LEU A 492 -4.95 0.64 -19.36
N LEU A 493 -5.65 0.87 -20.47
CA LEU A 493 -5.44 0.05 -21.66
C LEU A 493 -4.03 0.24 -22.22
N PHE A 494 -3.54 1.48 -22.25
CA PHE A 494 -2.30 1.82 -22.93
C PHE A 494 -1.28 2.36 -21.93
N SER A 495 0.00 2.06 -22.20
CA SER A 495 1.07 2.60 -21.35
C SER A 495 1.15 4.11 -21.47
N ASP A 496 1.06 4.64 -22.69
CA ASP A 496 1.11 6.07 -22.94
C ASP A 496 -0.21 6.55 -23.50
N ASP A 497 -0.68 7.70 -23.01
CA ASP A 497 -1.95 8.24 -23.46
C ASP A 497 -1.92 8.68 -24.92
N ASP A 498 -0.72 8.78 -25.52
CA ASP A 498 -0.64 9.14 -26.94
C ASP A 498 -1.31 8.11 -27.84
N ILE A 499 -1.49 6.88 -27.34
CA ILE A 499 -2.19 5.83 -28.07
C ILE A 499 -1.38 5.40 -29.29
N LEU A 500 -1.35 6.25 -30.31
CA LEU A 500 -0.66 5.89 -31.55
C LEU A 500 0.81 5.62 -31.30
N ASN A 501 1.45 6.44 -30.48
CA ASN A 501 2.86 6.25 -30.13
C ASN A 501 3.05 5.40 -28.88
N ALA A 502 1.97 4.88 -28.31
CA ALA A 502 2.10 4.05 -27.11
C ALA A 502 3.01 2.86 -27.39
N HIS A 503 3.87 2.55 -26.42
CA HIS A 503 4.86 1.49 -26.56
C HIS A 503 4.35 0.13 -26.08
N ALA A 504 3.11 0.05 -25.60
CA ALA A 504 2.53 -1.21 -25.17
C ALA A 504 1.09 -0.97 -24.77
N PHE A 505 0.33 -2.06 -24.66
CA PHE A 505 -1.05 -2.00 -24.19
C PHE A 505 -1.27 -3.11 -23.17
N VAL A 506 -2.29 -2.91 -22.34
CA VAL A 506 -2.64 -3.83 -21.27
C VAL A 506 -3.93 -4.53 -21.65
N VAL A 507 -3.97 -5.85 -21.45
CA VAL A 507 -5.10 -6.67 -21.86
C VAL A 507 -5.70 -7.34 -20.63
N THR A 508 -5.68 -6.63 -19.50
CA THR A 508 -6.21 -7.16 -18.25
C THR A 508 -7.56 -7.84 -18.47
N LEU A 509 -7.68 -9.06 -17.97
CA LEU A 509 -8.91 -9.83 -18.00
C LEU A 509 -9.38 -10.06 -16.57
N LEU A 510 -10.65 -9.75 -16.31
CA LEU A 510 -11.20 -9.80 -14.97
C LEU A 510 -12.19 -10.95 -14.85
N LEU A 511 -11.96 -11.83 -13.89
CA LEU A 511 -12.84 -12.96 -13.61
C LEU A 511 -13.49 -12.76 -12.25
N THR A 512 -14.79 -13.04 -12.17
CA THR A 512 -15.49 -13.04 -10.89
C THR A 512 -15.34 -14.35 -10.15
N ASN A 513 -14.62 -15.32 -10.71
CA ASN A 513 -14.33 -16.60 -10.06
C ASN A 513 -15.61 -17.42 -9.97
N HIS A 514 -15.48 -18.74 -10.08
CA HIS A 514 -16.61 -19.65 -9.99
C HIS A 514 -16.25 -20.85 -9.11
N THR A 515 -15.66 -20.56 -7.95
CA THR A 515 -15.41 -21.55 -6.91
C THR A 515 -14.49 -22.67 -7.41
N GLN A 516 -13.25 -22.29 -7.67
CA GLN A 516 -12.12 -23.16 -8.00
C GLN A 516 -12.15 -23.64 -9.44
N SER A 517 -13.22 -23.41 -10.19
CA SER A 517 -13.17 -23.65 -11.62
C SER A 517 -12.32 -22.60 -12.33
N ALA A 518 -12.29 -21.38 -11.80
CA ALA A 518 -11.41 -20.35 -12.34
C ALA A 518 -9.95 -20.76 -12.19
N ASN A 519 -9.59 -21.32 -11.04
CA ASN A 519 -8.20 -21.69 -10.81
C ASN A 519 -7.68 -22.62 -11.89
N ARG A 520 -8.55 -23.51 -12.40
CA ARG A 520 -8.11 -24.44 -13.44
C ARG A 520 -7.97 -23.75 -14.80
N TRP A 521 -8.75 -22.71 -15.06
CA TRP A 521 -8.67 -22.05 -16.36
C TRP A 521 -7.32 -21.39 -16.57
N GLU A 522 -6.81 -20.69 -15.56
CA GLU A 522 -5.54 -20.01 -15.72
C GLU A 522 -4.42 -20.96 -16.09
N GLU A 523 -4.51 -22.23 -15.69
CA GLU A 523 -3.52 -23.21 -16.12
C GLU A 523 -3.41 -23.24 -17.64
N ARG A 524 -4.55 -23.34 -18.32
CA ARG A 524 -4.53 -23.30 -19.78
C ARG A 524 -4.01 -21.97 -20.29
N LEU A 525 -4.46 -20.87 -19.67
CA LEU A 525 -3.98 -19.55 -20.09
C LEU A 525 -2.47 -19.43 -19.87
N GLU A 526 -1.98 -19.91 -18.72
CA GLU A 526 -0.55 -19.84 -18.45
C GLU A 526 0.24 -20.61 -19.50
N GLU A 527 -0.18 -21.85 -19.78
CA GLU A 527 0.48 -22.63 -20.82
C GLU A 527 0.31 -21.99 -22.19
N TYR A 528 -0.90 -21.52 -22.49
CA TYR A 528 -1.18 -20.99 -23.81
C TYR A 528 -0.32 -19.77 -24.12
N LEU A 529 -0.21 -18.85 -23.17
CA LEU A 529 0.55 -17.63 -23.42
C LEU A 529 2.04 -17.94 -23.60
N LEU A 530 2.57 -18.87 -22.80
CA LEU A 530 3.97 -19.25 -22.96
C LEU A 530 4.23 -19.83 -24.34
N ASP A 531 3.32 -20.67 -24.83
CA ASP A 531 3.48 -21.31 -26.12
C ASP A 531 3.18 -20.37 -27.30
N LEU A 532 2.66 -19.18 -27.04
CA LEU A 532 2.35 -18.26 -28.13
C LEU A 532 3.61 -17.89 -28.89
N LYS A 533 3.47 -17.72 -30.21
CA LYS A 533 4.56 -17.29 -31.08
C LYS A 533 4.22 -15.90 -31.59
N VAL A 534 4.64 -14.89 -30.84
CA VAL A 534 4.37 -13.49 -31.18
C VAL A 534 5.21 -13.12 -32.40
N PRO A 535 4.78 -12.16 -33.21
CA PRO A 535 5.59 -11.77 -34.38
C PRO A 535 6.90 -11.16 -33.96
N GLU A 536 7.83 -11.10 -34.92
CA GLU A 536 9.13 -10.50 -34.65
C GLU A 536 8.95 -9.02 -34.28
N GLY A 537 9.69 -8.60 -33.26
CA GLY A 537 9.60 -7.24 -32.77
C GLY A 537 8.62 -7.03 -31.65
N LEU A 538 8.10 -8.09 -31.05
CA LEU A 538 7.15 -8.00 -29.95
C LEU A 538 7.48 -9.06 -28.90
N ARG A 539 6.98 -8.82 -27.69
CA ARG A 539 7.14 -9.74 -26.58
C ARG A 539 5.88 -9.70 -25.73
N ILE A 540 5.63 -10.78 -24.99
CA ILE A 540 4.47 -10.90 -24.11
C ILE A 540 4.97 -11.18 -22.71
N SER A 541 4.59 -10.32 -21.77
CA SER A 541 4.81 -10.55 -20.34
C SER A 541 3.46 -10.48 -19.67
N PHE A 542 3.06 -11.56 -19.01
CA PHE A 542 1.70 -11.71 -18.49
C PHE A 542 1.74 -12.05 -17.01
N ASN A 543 0.56 -12.32 -16.46
CA ASN A 543 0.43 -12.69 -15.07
C ASN A 543 -0.91 -13.39 -14.87
N THR A 544 -0.98 -14.23 -13.85
CA THR A 544 -2.21 -14.93 -13.48
C THR A 544 -2.15 -15.19 -11.98
N GLU A 545 -3.31 -15.07 -11.31
CA GLU A 545 -3.30 -15.20 -9.86
C GLU A 545 -2.73 -16.54 -9.41
N ILE A 546 -2.88 -17.59 -10.24
CA ILE A 546 -2.30 -18.88 -9.90
C ILE A 546 -0.80 -18.79 -9.79
N SER A 547 -0.18 -17.77 -10.41
CA SER A 547 1.27 -17.67 -10.38
C SER A 547 1.81 -17.54 -8.97
N LEU A 548 1.16 -16.73 -8.13
CA LEU A 548 1.65 -16.53 -6.77
C LEU A 548 1.63 -17.83 -5.98
N GLU A 549 0.54 -18.59 -6.07
CA GLU A 549 0.44 -19.85 -5.34
C GLU A 549 1.09 -21.01 -6.08
N LYS A 550 1.49 -20.82 -7.34
CA LYS A 550 2.20 -21.84 -8.10
C LYS A 550 3.67 -21.51 -8.29
N GLU A 551 3.98 -20.32 -8.82
CA GLU A 551 5.38 -19.98 -9.04
C GLU A 551 6.16 -19.91 -7.74
N LEU A 552 5.51 -19.53 -6.65
CA LEU A 552 6.21 -19.43 -5.37
C LEU A 552 6.74 -20.79 -4.92
N ASN A 553 5.91 -21.82 -5.04
CA ASN A 553 6.30 -23.17 -4.63
C ASN A 553 6.93 -23.94 -5.78
N ASN A 554 7.96 -23.35 -6.40
CA ASN A 554 8.67 -24.00 -7.49
C ASN A 554 10.18 -23.88 -7.36
N ASN A 555 10.70 -23.29 -6.30
CA ASN A 555 12.14 -23.18 -6.12
C ASN A 555 12.76 -24.55 -5.87
N ASN A 556 13.95 -24.75 -6.42
CA ASN A 556 14.73 -25.97 -6.20
C ASN A 556 16.01 -25.67 -5.44
N ASP A 557 15.93 -24.80 -4.44
CA ASP A 557 17.06 -24.45 -3.61
C ASP A 557 17.42 -25.54 -2.60
N ILE A 558 16.60 -26.59 -2.49
CA ILE A 558 16.88 -27.64 -1.52
C ILE A 558 18.22 -28.29 -1.79
N SER A 559 18.67 -28.29 -3.06
CA SER A 559 19.95 -28.89 -3.38
C SER A 559 21.09 -28.20 -2.63
N THR A 560 21.08 -26.86 -2.63
CA THR A 560 22.13 -26.12 -1.93
C THR A 560 21.97 -26.24 -0.42
N VAL A 561 20.73 -26.22 0.07
CA VAL A 561 20.50 -26.34 1.50
C VAL A 561 20.91 -27.71 2.01
N ALA A 562 20.55 -28.76 1.26
CA ALA A 562 20.91 -30.11 1.69
C ALA A 562 22.41 -30.30 1.72
N ILE A 563 23.13 -29.80 0.70
CA ILE A 563 24.58 -29.92 0.68
C ILE A 563 25.19 -29.17 1.84
N SER A 564 24.70 -27.96 2.12
CA SER A 564 25.28 -27.16 3.20
C SER A 564 25.16 -27.88 4.53
N TYR A 565 23.99 -28.45 4.82
CA TYR A 565 23.83 -29.20 6.05
C TYR A 565 24.61 -30.51 6.00
N LEU A 566 24.78 -31.09 4.81
CA LEU A 566 25.60 -32.29 4.70
C LEU A 566 27.04 -32.02 5.11
N MET A 567 27.58 -30.87 4.69
CA MET A 567 28.94 -30.50 5.10
C MET A 567 29.04 -30.31 6.60
N MET A 568 27.98 -29.79 7.23
CA MET A 568 28.01 -29.59 8.67
C MET A 568 28.18 -30.92 9.40
N PHE A 569 27.47 -31.96 8.96
CA PHE A 569 27.64 -33.27 9.58
C PHE A 569 29.06 -33.80 9.38
N LEU A 570 29.60 -33.65 8.17
CA LEU A 570 30.92 -34.17 7.88
C LEU A 570 31.98 -33.51 8.76
N TYR A 571 31.88 -32.20 8.95
CA TYR A 571 32.83 -31.51 9.82
C TYR A 571 32.61 -31.87 11.28
N ALA A 572 31.34 -32.00 11.69
CA ALA A 572 31.05 -32.24 13.10
C ALA A 572 31.68 -33.55 13.57
N THR A 573 31.61 -34.60 12.76
CA THR A 573 32.20 -35.87 13.17
C THR A 573 33.71 -35.73 13.33
N TRP A 574 34.36 -35.00 12.42
CA TRP A 574 35.80 -34.83 12.53
C TRP A 574 36.18 -33.84 13.63
N ALA A 575 35.24 -33.00 14.06
CA ALA A 575 35.53 -32.02 15.10
C ALA A 575 35.40 -32.59 16.50
N LEU A 576 34.86 -33.80 16.65
CA LEU A 576 34.76 -34.47 17.93
C LEU A 576 35.96 -35.38 18.21
N ARG A 577 36.98 -35.34 17.37
CA ARG A 577 38.13 -36.21 17.54
C ARG A 577 38.81 -35.96 18.89
N ARG A 578 39.32 -37.04 19.48
CA ARG A 578 39.99 -36.94 20.77
C ARG A 578 41.22 -36.04 20.66
N LYS A 579 41.79 -35.70 21.82
CA LYS A 579 42.99 -34.88 21.84
C LYS A 579 44.14 -35.58 21.15
N ASP A 580 44.29 -36.89 21.38
CA ASP A 580 45.39 -37.63 20.75
C ASP A 580 45.26 -37.60 19.23
N GLY A 581 44.04 -37.79 18.71
CA GLY A 581 43.83 -37.77 17.28
C GLY A 581 42.81 -38.78 16.80
N LYS A 582 42.37 -39.67 17.67
CA LYS A 582 41.34 -40.63 17.28
C LYS A 582 40.06 -39.90 16.90
N THR A 583 39.37 -40.42 15.89
CA THR A 583 38.17 -39.80 15.35
C THR A 583 36.96 -40.57 15.84
N ARG A 584 36.05 -39.88 16.53
CA ARG A 584 34.85 -40.51 17.09
C ARG A 584 33.67 -40.30 16.15
N LEU A 585 33.74 -40.98 15.01
CA LEU A 585 32.68 -40.86 14.02
C LEU A 585 31.35 -41.37 14.57
N LEU A 586 31.38 -42.51 15.27
CA LEU A 586 30.14 -43.09 15.80
C LEU A 586 29.48 -42.15 16.79
N LEU A 587 30.28 -41.41 17.56
CA LEU A 587 29.72 -40.44 18.50
C LEU A 587 29.18 -39.22 17.78
N GLY A 588 29.92 -38.72 16.79
CA GLY A 588 29.46 -37.55 16.05
C GLY A 588 28.21 -37.84 15.24
N ILE A 589 28.19 -38.98 14.54
CA ILE A 589 27.03 -39.34 13.74
C ILE A 589 25.81 -39.50 14.63
N SER A 590 25.98 -40.23 15.74
CA SER A 590 24.87 -40.41 16.67
C SER A 590 24.46 -39.09 17.30
N GLY A 591 25.43 -38.23 17.60
CA GLY A 591 25.10 -36.92 18.16
C GLY A 591 24.32 -36.06 17.19
N LEU A 592 24.61 -36.18 15.90
CA LEU A 592 23.89 -35.39 14.91
C LEU A 592 22.52 -35.98 14.58
N LEU A 593 22.27 -37.25 14.95
CA LEU A 593 20.94 -37.82 14.83
C LEU A 593 20.05 -37.49 16.02
N ILE A 594 20.62 -36.99 17.11
CA ILE A 594 19.82 -36.57 18.25
C ILE A 594 19.34 -35.13 18.05
N VAL A 595 20.21 -34.27 17.53
CA VAL A 595 19.81 -32.89 17.23
C VAL A 595 18.75 -32.88 16.14
N LEU A 596 18.90 -33.76 15.13
CA LEU A 596 17.89 -33.86 14.09
C LEU A 596 16.66 -34.61 14.56
N ALA A 597 16.74 -35.34 15.67
CA ALA A 597 15.57 -36.00 16.22
C ALA A 597 14.67 -35.01 16.95
N SER A 598 15.24 -33.93 17.49
CA SER A 598 14.43 -32.94 18.18
C SER A 598 13.53 -32.19 17.21
N ILE A 599 14.03 -31.90 16.00
CA ILE A 599 13.22 -31.21 15.00
C ILE A 599 12.01 -32.06 14.63
N VAL A 600 12.24 -33.36 14.39
CA VAL A 600 11.14 -34.25 14.05
C VAL A 600 10.17 -34.37 15.21
N CYS A 601 10.69 -34.50 16.43
CA CYS A 601 9.81 -34.59 17.59
C CYS A 601 8.96 -33.33 17.73
N ALA A 602 9.58 -32.16 17.60
CA ALA A 602 8.83 -30.91 17.71
C ALA A 602 7.91 -30.71 16.52
N ALA A 603 8.44 -30.91 15.30
CA ALA A 603 7.63 -30.74 14.11
C ALA A 603 6.47 -31.72 14.05
N GLY A 604 6.57 -32.85 14.73
CA GLY A 604 5.50 -33.82 14.78
C GLY A 604 4.63 -33.65 16.01
N PHE A 605 5.24 -33.20 17.10
CA PHE A 605 4.48 -32.96 18.31
C PHE A 605 3.46 -31.85 18.11
N LEU A 606 3.84 -30.80 17.40
CA LEU A 606 2.92 -29.66 17.22
C LEU A 606 1.82 -29.99 16.22
N THR A 607 2.12 -30.78 15.19
CA THR A 607 1.07 -31.19 14.26
C THR A 607 0.00 -32.00 14.97
N LEU A 608 0.33 -32.57 16.14
CA LEU A 608 -0.68 -33.20 16.98
C LEU A 608 -1.64 -32.18 17.57
N PHE A 609 -1.20 -30.92 17.70
CA PHE A 609 -2.03 -29.85 18.23
C PHE A 609 -2.72 -29.04 17.14
N GLY A 610 -2.54 -29.41 15.87
CA GLY A 610 -3.19 -28.74 14.76
C GLY A 610 -2.40 -27.62 14.13
N LEU A 611 -1.27 -27.24 14.70
CA LEU A 611 -0.46 -26.19 14.10
C LEU A 611 0.03 -26.60 12.72
N LYS A 612 0.07 -25.65 11.80
CA LYS A 612 0.53 -25.88 10.44
C LYS A 612 1.96 -25.34 10.29
N SER A 613 2.79 -26.11 9.60
CA SER A 613 4.19 -25.75 9.42
C SER A 613 4.34 -24.90 8.17
N THR A 614 4.73 -23.64 8.36
CA THR A 614 4.96 -22.75 7.24
C THR A 614 6.27 -23.08 6.55
N LEU A 615 6.40 -22.62 5.30
CA LEU A 615 7.62 -22.87 4.54
C LEU A 615 8.82 -22.20 5.17
N ILE A 616 8.62 -21.16 5.98
CA ILE A 616 9.74 -20.55 6.69
C ILE A 616 10.32 -21.53 7.70
N ILE A 617 9.47 -22.33 8.34
CA ILE A 617 9.92 -23.28 9.34
C ILE A 617 10.89 -24.28 8.73
N ALA A 618 10.78 -24.53 7.43
CA ALA A 618 11.66 -25.49 6.77
C ALA A 618 13.11 -25.00 6.71
N GLU A 619 13.37 -23.73 7.02
CA GLU A 619 14.71 -23.17 6.95
C GLU A 619 15.21 -22.65 8.28
N VAL A 620 14.41 -21.86 8.99
CA VAL A 620 14.89 -21.22 10.21
C VAL A 620 15.08 -22.23 11.33
N ILE A 621 14.12 -23.12 11.51
CA ILE A 621 14.15 -24.06 12.64
C ILE A 621 15.33 -25.01 12.53
N PRO A 622 15.56 -25.64 11.37
CA PRO A 622 16.76 -26.50 11.26
C PRO A 622 18.05 -25.78 11.59
N PHE A 623 18.18 -24.51 11.17
CA PHE A 623 19.41 -23.77 11.44
C PHE A 623 19.61 -23.56 12.92
N LEU A 624 18.58 -23.08 13.61
CA LEU A 624 18.72 -22.76 15.03
C LEU A 624 19.12 -24.00 15.82
N ILE A 625 18.42 -25.11 15.61
CA ILE A 625 18.68 -26.31 16.42
C ILE A 625 20.04 -26.90 16.10
N LEU A 626 20.44 -26.87 14.82
CA LEU A 626 21.77 -27.36 14.47
C LEU A 626 22.87 -26.50 15.06
N ALA A 627 22.54 -25.31 15.56
CA ALA A 627 23.51 -24.47 16.26
C ALA A 627 23.39 -24.65 17.77
N ILE A 628 22.18 -24.57 18.31
CA ILE A 628 21.99 -24.84 19.74
C ILE A 628 22.32 -26.30 20.05
N GLY A 629 21.97 -27.21 19.15
CA GLY A 629 22.16 -28.62 19.39
C GLY A 629 23.54 -29.15 19.11
N ILE A 630 24.42 -28.33 18.54
CA ILE A 630 25.79 -28.76 18.25
C ILE A 630 26.70 -28.25 19.35
N ASP A 631 26.38 -27.09 19.92
CA ASP A 631 27.18 -26.57 21.02
C ASP A 631 27.13 -27.51 22.22
N ASN A 632 25.95 -28.01 22.56
CA ASN A 632 25.83 -28.89 23.70
C ASN A 632 26.57 -30.21 23.48
N ILE A 633 26.68 -30.64 22.22
CA ILE A 633 27.44 -31.86 21.92
C ILE A 633 28.91 -31.67 22.27
N PHE A 634 29.48 -30.53 21.85
CA PHE A 634 30.91 -30.30 22.11
C PHE A 634 31.16 -29.95 23.57
N LEU A 635 30.28 -29.16 24.17
CA LEU A 635 30.49 -28.79 25.57
C LEU A 635 30.45 -30.02 26.46
N ILE A 636 29.48 -30.90 26.25
CA ILE A 636 29.39 -32.11 27.06
C ILE A 636 30.52 -33.07 26.72
N THR A 637 30.84 -33.21 25.43
CA THR A 637 31.91 -34.13 25.05
C THR A 637 33.27 -33.62 25.51
N HIS A 638 33.58 -32.36 25.24
CA HIS A 638 34.87 -31.82 25.64
C HIS A 638 35.03 -31.82 27.15
N GLU A 639 33.97 -31.46 27.87
CA GLU A 639 34.05 -31.49 29.33
C GLU A 639 34.35 -32.90 29.84
N TYR A 640 33.71 -33.91 29.26
CA TYR A 640 34.10 -35.27 29.53
C TYR A 640 35.53 -35.53 29.07
N ASP A 641 35.88 -35.03 27.88
CA ASP A 641 37.22 -35.26 27.35
C ASP A 641 38.27 -34.65 28.27
N ARG A 642 38.02 -33.43 28.76
CA ARG A 642 38.93 -32.85 29.74
C ARG A 642 38.89 -33.60 31.05
N ASN A 643 37.79 -34.28 31.36
CA ASN A 643 37.71 -35.11 32.55
C ASN A 643 38.44 -36.44 32.39
N CYS A 644 38.80 -36.81 31.15
CA CYS A 644 39.72 -37.95 30.99
C CYS A 644 41.07 -37.63 31.61
N GLU A 645 41.53 -36.39 31.45
CA GLU A 645 42.69 -35.91 32.18
C GLU A 645 42.27 -35.47 33.57
N GLN A 646 43.25 -35.37 34.46
CA GLN A 646 43.03 -35.02 35.87
C GLN A 646 42.40 -36.20 36.63
N LYS A 647 42.05 -37.27 35.91
CA LYS A 647 41.46 -38.48 36.46
C LYS A 647 40.55 -38.20 37.66
N PRO A 648 39.54 -37.32 37.50
CA PRO A 648 38.56 -37.16 38.57
C PRO A 648 37.44 -38.19 38.45
N GLU A 649 37.29 -39.04 39.46
CA GLU A 649 36.30 -40.12 39.43
C GLU A 649 36.55 -41.02 38.22
N TYR A 650 37.72 -41.66 38.25
CA TYR A 650 38.25 -42.40 37.10
C TYR A 650 37.21 -43.25 36.38
N SER A 651 36.17 -43.69 37.09
CA SER A 651 35.15 -44.52 36.47
C SER A 651 34.54 -43.81 35.26
N ILE A 652 34.36 -44.56 34.17
CA ILE A 652 33.91 -43.94 32.92
C ILE A 652 32.53 -43.33 33.10
N ASP A 653 31.62 -44.03 33.78
CA ASP A 653 30.29 -43.48 34.00
C ASP A 653 30.33 -42.27 34.92
N GLN A 654 31.32 -42.20 35.81
CA GLN A 654 31.45 -41.04 36.67
C GLN A 654 32.04 -39.85 35.94
N LYS A 655 32.94 -40.09 34.98
CA LYS A 655 33.51 -38.99 34.22
C LYS A 655 32.43 -38.23 33.46
N ILE A 656 31.28 -38.86 33.21
CA ILE A 656 30.21 -38.20 32.47
C ILE A 656 29.29 -37.46 33.42
N ILE A 657 28.96 -38.05 34.57
CA ILE A 657 28.13 -37.37 35.55
C ILE A 657 28.80 -36.07 36.00
N SER A 658 30.10 -36.12 36.23
CA SER A 658 30.83 -34.90 36.55
C SER A 658 30.82 -33.94 35.37
N ALA A 659 30.93 -34.46 34.14
CA ALA A 659 30.89 -33.61 32.97
C ALA A 659 29.55 -32.89 32.86
N ILE A 660 28.44 -33.62 33.08
CA ILE A 660 27.13 -33.00 33.03
C ILE A 660 26.96 -32.02 34.19
N GLY A 661 27.35 -32.42 35.38
CA GLY A 661 27.17 -31.55 36.54
C GLY A 661 27.87 -30.21 36.38
N ARG A 662 29.06 -30.21 35.76
CA ARG A 662 29.81 -28.98 35.61
C ARG A 662 29.21 -28.10 34.53
N MET A 663 28.70 -28.69 33.44
CA MET A 663 28.31 -27.91 32.28
C MET A 663 26.80 -27.75 32.11
N SER A 664 25.99 -28.65 32.68
CA SER A 664 24.55 -28.53 32.49
C SER A 664 23.99 -27.20 32.95
N PRO A 665 24.39 -26.61 34.07
CA PRO A 665 23.77 -25.35 34.50
C PRO A 665 23.87 -24.25 33.45
N SER A 666 24.99 -24.18 32.73
CA SER A 666 25.10 -23.21 31.65
C SER A 666 24.21 -23.58 30.48
N ILE A 667 24.09 -24.87 30.18
CA ILE A 667 23.24 -25.31 29.08
C ILE A 667 21.79 -24.95 29.38
N LEU A 668 21.32 -25.25 30.59
CA LEU A 668 19.95 -24.92 30.94
C LEU A 668 19.71 -23.42 30.92
N MET A 669 20.66 -22.65 31.45
CA MET A 669 20.50 -21.21 31.48
C MET A 669 20.46 -20.62 30.07
N SER A 670 21.29 -21.13 29.17
CA SER A 670 21.22 -20.68 27.78
C SER A 670 19.91 -21.10 27.15
N LEU A 671 19.43 -22.30 27.48
CA LEU A 671 18.15 -22.76 26.94
C LEU A 671 17.00 -21.88 27.40
N LEU A 672 17.01 -21.49 28.68
CA LEU A 672 15.99 -20.56 29.16
C LEU A 672 16.10 -19.22 28.45
N CYS A 673 17.32 -18.75 28.21
CA CYS A 673 17.49 -17.48 27.51
C CYS A 673 16.95 -17.56 26.10
N GLN A 674 17.20 -18.67 25.40
CA GLN A 674 16.71 -18.82 24.04
C GLN A 674 15.20 -19.06 24.01
N THR A 675 14.69 -19.84 24.97
CA THR A 675 13.25 -20.01 25.08
C THR A 675 12.57 -18.68 25.38
N GLY A 676 13.16 -17.90 26.27
CA GLY A 676 12.56 -16.61 26.62
C GLY A 676 12.54 -15.64 25.45
N CYS A 677 13.57 -15.68 24.61
CA CYS A 677 13.62 -14.77 23.47
C CYS A 677 12.54 -15.09 22.46
N PHE A 678 12.36 -16.38 22.13
CA PHE A 678 11.34 -16.76 21.15
C PHE A 678 9.94 -16.66 21.75
N LEU A 679 9.78 -17.09 23.00
CA LEU A 679 8.46 -17.04 23.63
C LEU A 679 7.89 -15.63 23.63
N ILE A 680 8.75 -14.62 23.72
CA ILE A 680 8.28 -13.23 23.67
C ILE A 680 7.68 -12.94 22.30
N ALA A 681 8.31 -13.43 21.23
CA ALA A 681 7.78 -13.22 19.89
C ALA A 681 6.42 -13.88 19.70
N ALA A 682 6.09 -14.88 20.52
CA ALA A 682 4.78 -15.53 20.40
C ALA A 682 3.64 -14.57 20.69
N PHE A 683 3.92 -13.43 21.33
CA PHE A 683 2.92 -12.38 21.54
C PHE A 683 2.82 -11.44 20.34
N VAL A 684 3.61 -11.68 19.29
CA VAL A 684 3.50 -10.86 18.09
C VAL A 684 2.16 -11.11 17.42
N THR A 685 1.81 -10.21 16.49
CA THR A 685 0.52 -10.30 15.81
C THR A 685 0.59 -11.08 14.50
N MET A 686 1.68 -10.95 13.75
CA MET A 686 1.78 -11.67 12.49
C MET A 686 1.75 -13.17 12.76
N PRO A 687 1.14 -13.97 11.87
CA PRO A 687 1.03 -15.41 12.13
C PRO A 687 2.32 -16.16 11.81
N ALA A 688 3.04 -15.75 10.76
CA ALA A 688 4.30 -16.40 10.43
C ALA A 688 5.33 -16.19 11.55
N VAL A 689 5.42 -14.97 12.07
CA VAL A 689 6.29 -14.73 13.21
C VAL A 689 5.79 -15.50 14.43
N HIS A 690 4.48 -15.50 14.66
CA HIS A 690 3.93 -16.22 15.79
C HIS A 690 4.15 -17.72 15.63
N ASN A 691 4.03 -18.24 14.39
CA ASN A 691 4.25 -19.66 14.18
C ASN A 691 5.65 -20.08 14.61
N PHE A 692 6.67 -19.33 14.19
CA PHE A 692 8.03 -19.67 14.56
C PHE A 692 8.22 -19.60 16.07
N ALA A 693 7.63 -18.61 16.72
CA ALA A 693 7.79 -18.46 18.17
C ALA A 693 7.32 -19.71 18.91
N ILE A 694 6.41 -20.47 18.31
CA ILE A 694 5.94 -21.69 18.95
C ILE A 694 6.79 -22.89 18.55
N TYR A 695 7.22 -22.94 17.30
CA TYR A 695 8.04 -24.07 16.86
C TYR A 695 9.40 -24.06 17.55
N SER A 696 10.09 -22.92 17.52
CA SER A 696 11.42 -22.87 18.10
C SER A 696 11.38 -23.13 19.61
N THR A 697 10.43 -22.51 20.30
CA THR A 697 10.32 -22.72 21.74
C THR A 697 10.14 -24.19 22.08
N VAL A 698 9.61 -24.97 21.14
CA VAL A 698 9.45 -26.41 21.35
C VAL A 698 10.62 -27.17 20.74
N SER A 699 11.09 -26.75 19.57
CA SER A 699 12.24 -27.41 18.96
C SER A 699 13.50 -27.24 19.79
N VAL A 700 13.53 -26.27 20.70
CA VAL A 700 14.70 -26.07 21.54
C VAL A 700 14.52 -26.73 22.91
N ILE A 701 13.29 -26.76 23.43
CA ILE A 701 13.03 -27.50 24.66
C ILE A 701 13.29 -28.98 24.45
N PHE A 702 12.79 -29.52 23.33
CA PHE A 702 13.02 -30.93 23.03
C PHE A 702 14.51 -31.21 22.85
N ASN A 703 15.23 -30.29 22.23
CA ASN A 703 16.67 -30.46 22.06
C ASN A 703 17.37 -30.56 23.41
N GLY A 704 16.96 -29.72 24.36
CA GLY A 704 17.55 -29.81 25.70
C GLY A 704 17.29 -31.15 26.35
N VAL A 705 16.08 -31.69 26.15
CA VAL A 705 15.74 -32.97 26.78
C VAL A 705 16.52 -34.11 26.14
N LEU A 706 16.67 -34.08 24.82
CA LEU A 706 17.38 -35.14 24.11
C LEU A 706 18.90 -34.97 24.16
N GLN A 707 19.39 -33.78 24.49
CA GLN A 707 20.82 -33.56 24.60
C GLN A 707 21.35 -33.78 26.00
N LEU A 708 20.48 -34.03 26.97
CA LEU A 708 20.89 -34.31 28.34
C LEU A 708 20.55 -35.72 28.80
N THR A 709 19.63 -36.41 28.12
CA THR A 709 19.25 -37.77 28.45
C THR A 709 19.66 -38.75 27.37
N ALA A 710 19.23 -38.53 26.13
CA ALA A 710 19.57 -39.45 25.06
C ALA A 710 21.05 -39.41 24.71
N TYR A 711 21.60 -38.21 24.53
CA TYR A 711 22.99 -38.10 24.10
C TYR A 711 23.95 -38.59 25.19
N VAL A 712 23.69 -38.24 26.44
CA VAL A 712 24.54 -38.69 27.52
C VAL A 712 24.62 -40.21 27.53
N SER A 713 23.49 -40.88 27.27
CA SER A 713 23.50 -42.32 27.19
C SER A 713 24.37 -42.81 26.03
N ILE A 714 24.30 -42.13 24.89
CA ILE A 714 25.16 -42.51 23.76
C ILE A 714 26.63 -42.32 24.13
N LEU A 715 26.95 -41.19 24.78
CA LEU A 715 28.32 -40.97 25.22
C LEU A 715 28.74 -42.03 26.24
N SER A 716 27.86 -42.36 27.18
CA SER A 716 28.17 -43.40 28.15
C SER A 716 28.40 -44.74 27.46
N LEU A 717 27.55 -45.08 26.50
CA LEU A 717 27.70 -46.36 25.81
C LEU A 717 28.96 -46.38 24.95
N TYR A 718 29.18 -45.32 24.15
CA TYR A 718 30.28 -45.34 23.21
C TYR A 718 31.62 -45.43 23.93
N GLU A 719 31.81 -44.62 24.97
CA GLU A 719 33.08 -44.64 25.69
C GLU A 719 33.32 -45.99 26.34
N LYS A 720 32.28 -46.56 26.96
CA LYS A 720 32.45 -47.83 27.67
C LYS A 720 32.90 -48.93 26.73
N ARG A 721 32.33 -48.99 25.53
CA ARG A 721 32.71 -50.01 24.55
C ARG A 721 33.91 -49.60 23.71
N SER A 722 34.47 -48.42 23.95
CA SER A 722 35.68 -47.97 23.27
C SER A 722 36.93 -48.19 24.11
N ASN A 723 36.90 -47.79 25.39
CA ASN A 723 37.99 -48.02 26.33
C ASN A 723 39.31 -47.50 25.76
N TYR A 724 39.36 -46.18 25.56
CA TYR A 724 40.55 -45.52 25.02
C TYR A 724 41.47 -45.14 26.16
N LYS A 725 42.73 -45.60 26.09
CA LYS A 725 43.70 -45.31 27.13
C LYS A 725 44.12 -43.85 27.07
N GLN A 726 44.14 -43.20 28.22
CA GLN A 726 44.57 -41.80 28.30
C GLN A 726 46.06 -41.71 28.02
N ILE A 727 46.44 -41.02 26.95
CA ILE A 727 47.83 -40.88 26.59
C ILE A 727 48.54 -39.99 27.61
N LEU A 738 47.32 -23.21 19.91
CA LEU A 738 47.15 -21.79 19.61
C LEU A 738 46.14 -21.15 20.56
N LYS A 739 45.35 -21.98 21.23
CA LYS A 739 44.34 -21.46 22.15
C LYS A 739 44.97 -20.70 23.32
N THR A 740 46.25 -20.91 23.58
CA THR A 740 46.98 -20.16 24.60
C THR A 740 48.07 -19.27 24.03
N PHE A 741 48.69 -19.69 22.93
CA PHE A 741 49.72 -18.86 22.30
C PHE A 741 49.14 -17.54 21.82
N TYR A 742 47.96 -17.58 21.19
CA TYR A 742 47.37 -16.36 20.66
C TYR A 742 46.57 -15.61 21.72
N PHE A 743 45.78 -16.32 22.52
CA PHE A 743 44.92 -15.65 23.49
C PHE A 743 45.72 -14.97 24.60
N LYS A 744 47.01 -15.23 24.69
CA LYS A 744 47.86 -14.48 25.61
C LYS A 744 47.96 -13.00 25.24
N MET A 745 47.55 -12.62 24.02
CA MET A 745 47.55 -11.22 23.59
C MET A 745 46.53 -10.38 24.31
N LEU A 746 45.80 -10.94 25.29
CA LEU A 746 44.77 -10.18 25.98
C LEU A 746 45.29 -8.89 26.60
N THR A 747 46.61 -8.67 26.60
CA THR A 747 47.14 -7.41 27.10
C THR A 747 46.52 -6.21 26.39
N GLN A 748 46.11 -6.38 25.12
CA GLN A 748 45.43 -5.33 24.39
C GLN A 748 43.94 -5.28 24.76
N LYS A 749 43.70 -4.97 26.04
CA LYS A 749 42.34 -4.91 26.55
C LYS A 749 41.66 -3.62 26.12
N ARG A 750 42.27 -2.47 26.41
CA ARG A 750 41.62 -1.20 26.11
C ARG A 750 41.42 -1.01 24.62
N LEU A 751 42.39 -1.45 23.80
CA LEU A 751 42.25 -1.29 22.36
C LEU A 751 41.07 -2.08 21.82
N ILE A 752 40.89 -3.31 22.28
CA ILE A 752 39.78 -4.13 21.78
C ILE A 752 38.45 -3.48 22.14
N ILE A 753 38.33 -2.98 23.38
CA ILE A 753 37.08 -2.32 23.78
C ILE A 753 36.84 -1.09 22.92
N ILE A 754 37.89 -0.30 22.68
CA ILE A 754 37.73 0.92 21.89
C ILE A 754 37.31 0.58 20.46
N ILE A 755 37.96 -0.42 19.85
CA ILE A 755 37.60 -0.79 18.48
C ILE A 755 36.17 -1.30 18.42
N PHE A 756 35.78 -2.14 19.37
CA PHE A 756 34.43 -2.69 19.37
C PHE A 756 33.41 -1.67 19.88
N SER A 757 33.84 -0.73 20.72
CA SER A 757 32.92 0.35 21.13
C SER A 757 32.69 1.33 20.00
N ALA A 758 33.74 1.66 19.24
CA ALA A 758 33.57 2.53 18.08
C ALA A 758 32.66 1.88 17.04
N TRP A 759 32.81 0.57 16.86
CA TRP A 759 31.94 -0.15 15.92
C TRP A 759 30.48 -0.05 16.34
N PHE A 760 30.21 -0.22 17.64
CA PHE A 760 28.83 -0.15 18.11
C PHE A 760 28.26 1.25 17.94
N PHE A 761 29.04 2.27 18.31
CA PHE A 761 28.54 3.64 18.22
C PHE A 761 28.30 4.05 16.77
N THR A 762 29.21 3.68 15.86
CA THR A 762 29.00 3.97 14.45
C THR A 762 27.81 3.20 13.90
N SER A 763 27.53 2.03 14.46
CA SER A 763 26.35 1.27 14.05
C SER A 763 25.06 1.86 14.61
N LEU A 764 25.14 2.64 15.69
CA LEU A 764 23.94 3.21 16.28
C LEU A 764 23.36 4.36 15.46
N VAL A 765 24.17 4.99 14.60
CA VAL A 765 23.67 6.09 13.77
C VAL A 765 23.13 5.61 12.43
N PHE A 766 23.53 4.41 11.98
CA PHE A 766 22.97 3.83 10.76
C PHE A 766 21.66 3.09 11.00
N LEU A 767 21.22 2.99 12.26
CA LEU A 767 20.01 2.23 12.57
C LEU A 767 18.78 2.78 11.87
N PRO A 768 18.48 4.08 11.91
CA PRO A 768 17.26 4.58 11.28
C PRO A 768 17.28 4.61 9.76
N GLU A 769 18.34 4.10 9.14
CA GLU A 769 18.42 4.03 7.69
C GLU A 769 17.86 2.72 7.13
N ILE A 770 17.31 1.87 7.98
CA ILE A 770 16.75 0.60 7.54
C ILE A 770 15.38 0.86 6.91
N GLN A 771 15.16 0.31 5.72
CA GLN A 771 13.90 0.45 5.01
C GLN A 771 13.03 -0.79 5.24
N PHE A 772 11.73 -0.55 5.33
CA PHE A 772 10.77 -1.63 5.49
C PHE A 772 10.34 -2.18 4.13
N GLY A 773 9.61 -3.29 4.17
CA GLY A 773 9.07 -3.88 2.98
C GLY A 773 9.86 -5.08 2.50
N LEU A 774 9.18 -5.96 1.78
CA LEU A 774 9.79 -7.17 1.21
C LEU A 774 9.44 -7.23 -0.26
N ASP A 775 10.43 -6.95 -1.11
CA ASP A 775 10.21 -6.99 -2.55
C ASP A 775 9.75 -8.37 -2.98
N GLN A 776 8.67 -8.42 -3.76
CA GLN A 776 8.13 -9.70 -4.22
C GLN A 776 8.90 -10.28 -5.39
N THR A 777 9.67 -9.46 -6.10
CA THR A 777 10.39 -9.97 -7.27
C THR A 777 11.35 -11.09 -6.88
N LEU A 778 12.07 -10.91 -5.78
CA LEU A 778 12.98 -11.94 -5.30
C LEU A 778 12.24 -13.10 -4.65
N ALA A 779 11.03 -12.89 -4.14
CA ALA A 779 10.33 -13.95 -3.42
C ALA A 779 10.08 -15.15 -4.33
N VAL A 780 9.66 -14.92 -5.57
CA VAL A 780 9.41 -16.00 -6.52
C VAL A 780 10.73 -16.43 -7.13
N PRO A 781 10.85 -17.67 -7.62
CA PRO A 781 12.09 -18.08 -8.28
C PRO A 781 12.39 -17.21 -9.50
N GLN A 782 13.68 -16.99 -9.72
CA GLN A 782 14.12 -16.11 -10.80
C GLN A 782 13.93 -16.77 -12.16
N ASP A 783 14.15 -15.99 -13.20
CA ASP A 783 14.04 -16.44 -14.60
C ASP A 783 12.63 -16.92 -14.95
N SER A 784 11.65 -16.58 -14.12
CA SER A 784 10.27 -16.96 -14.38
C SER A 784 9.65 -16.00 -15.40
N TYR A 785 8.40 -16.27 -15.78
CA TYR A 785 7.69 -15.36 -16.67
C TYR A 785 7.24 -14.09 -15.96
N LEU A 786 7.23 -14.09 -14.62
CA LEU A 786 6.92 -12.89 -13.86
C LEU A 786 8.04 -11.85 -13.90
N VAL A 787 9.28 -12.28 -14.13
CA VAL A 787 10.40 -11.34 -14.11
C VAL A 787 10.21 -10.26 -15.16
N ASP A 788 9.64 -10.63 -16.31
CA ASP A 788 9.33 -9.66 -17.35
C ASP A 788 7.97 -9.00 -17.14
N TYR A 789 7.25 -9.37 -16.09
CA TYR A 789 5.98 -8.75 -15.74
C TYR A 789 6.10 -7.78 -14.57
N PHE A 790 6.60 -8.25 -13.42
CA PHE A 790 6.82 -7.35 -12.30
C PHE A 790 7.74 -6.20 -12.70
N LYS A 791 8.79 -6.50 -13.47
CA LYS A 791 9.64 -5.45 -14.01
C LYS A 791 8.90 -4.60 -15.04
N ASP A 792 7.75 -5.07 -15.52
CA ASP A 792 6.96 -4.34 -16.50
C ASP A 792 5.69 -3.72 -15.93
N VAL A 793 5.16 -4.28 -14.85
CA VAL A 793 4.03 -3.66 -14.16
C VAL A 793 4.47 -2.33 -13.56
N TYR A 794 5.73 -2.23 -13.17
CA TYR A 794 6.30 -0.98 -12.67
C TYR A 794 6.80 -0.08 -13.78
N SER A 795 6.69 -0.49 -15.04
CA SER A 795 7.26 0.24 -16.15
C SER A 795 6.19 0.80 -17.10
N PHE A 796 5.27 -0.05 -17.56
CA PHE A 796 4.29 0.32 -18.58
C PHE A 796 2.87 0.44 -18.03
N LEU A 797 2.70 0.45 -16.72
CA LEU A 797 1.37 0.57 -16.10
C LEU A 797 1.26 1.94 -15.43
N ASN A 798 0.23 2.69 -15.79
CA ASN A 798 0.04 4.05 -15.30
C ASN A 798 -1.16 4.18 -14.36
N VAL A 799 -1.73 3.07 -13.91
CA VAL A 799 -2.88 3.09 -13.01
C VAL A 799 -2.58 2.18 -11.84
N GLY A 800 -2.87 2.65 -10.63
CA GLY A 800 -2.60 1.91 -9.43
C GLY A 800 -3.75 1.03 -9.00
N PRO A 801 -3.65 0.43 -7.82
CA PRO A 801 -4.72 -0.44 -7.33
C PRO A 801 -5.97 0.37 -7.08
N PRO A 802 -7.15 -0.25 -7.24
CA PRO A 802 -8.39 0.45 -6.88
C PRO A 802 -8.46 0.71 -5.38
N VAL A 803 -9.16 1.79 -5.02
CA VAL A 803 -9.43 2.14 -3.64
C VAL A 803 -10.94 2.28 -3.48
N TYR A 804 -11.49 1.56 -2.52
CA TYR A 804 -12.94 1.49 -2.32
C TYR A 804 -13.26 2.17 -0.99
N MET A 805 -13.88 3.35 -1.05
CA MET A 805 -14.22 4.11 0.13
C MET A 805 -15.59 3.64 0.62
N VAL A 806 -15.60 2.56 1.39
CA VAL A 806 -16.86 1.94 1.81
C VAL A 806 -17.48 2.77 2.92
N VAL A 807 -18.71 3.22 2.69
CA VAL A 807 -19.49 3.97 3.68
C VAL A 807 -20.55 3.03 4.24
N LYS A 808 -20.68 3.00 5.55
CA LYS A 808 -21.55 2.06 6.23
C LYS A 808 -22.58 2.80 7.08
N ASN A 809 -23.77 2.22 7.17
CA ASN A 809 -24.80 2.64 8.13
C ASN A 809 -24.99 4.15 8.12
N LEU A 810 -25.13 4.71 6.92
CA LEU A 810 -25.49 6.11 6.74
C LEU A 810 -26.88 6.18 6.13
N ASP A 811 -27.73 7.03 6.69
CA ASP A 811 -29.13 7.03 6.28
C ASP A 811 -29.26 7.30 4.79
N LEU A 812 -28.53 8.28 4.28
CA LEU A 812 -28.52 8.62 2.85
C LEU A 812 -29.92 8.85 2.31
N THR A 813 -30.89 9.08 3.19
CA THR A 813 -32.25 9.42 2.80
C THR A 813 -32.62 10.83 3.26
N LYS A 814 -32.42 11.13 4.55
CA LYS A 814 -32.63 12.49 5.03
C LYS A 814 -31.64 13.43 4.37
N ARG A 815 -32.10 14.64 4.05
CA ARG A 815 -31.26 15.58 3.32
C ARG A 815 -29.94 15.85 4.05
N GLN A 816 -29.96 15.83 5.38
CA GLN A 816 -28.77 16.14 6.14
C GLN A 816 -27.63 15.19 5.79
N ASN A 817 -27.94 13.90 5.63
CA ASN A 817 -26.89 12.92 5.37
C ASN A 817 -26.39 12.98 3.93
N GLN A 818 -27.27 13.31 2.98
CA GLN A 818 -26.85 13.36 1.59
C GLN A 818 -25.79 14.43 1.34
N GLN A 819 -25.76 15.48 2.16
CA GLN A 819 -24.84 16.59 1.94
C GLN A 819 -23.42 16.26 2.35
N LYS A 820 -23.19 15.13 3.03
CA LYS A 820 -21.84 14.72 3.41
C LYS A 820 -21.17 13.90 2.33
N ILE A 821 -21.85 13.60 1.22
CA ILE A 821 -21.26 12.91 0.09
C ILE A 821 -21.36 13.70 -1.20
N CYS A 822 -22.27 14.66 -1.29
CA CYS A 822 -22.37 15.52 -2.47
C CYS A 822 -21.01 16.07 -2.87
N GLY A 823 -20.79 16.17 -4.18
CA GLY A 823 -19.57 16.74 -4.73
C GLY A 823 -19.82 17.69 -5.87
N LYS A 824 -21.07 17.84 -6.29
CA LYS A 824 -21.42 18.65 -7.45
C LYS A 824 -22.50 19.68 -7.17
N PHE A 825 -23.11 19.67 -6.00
CA PHE A 825 -24.19 20.59 -5.67
C PHE A 825 -23.69 21.65 -4.69
N THR A 826 -24.43 22.75 -4.61
CA THR A 826 -23.98 23.94 -3.90
C THR A 826 -24.20 23.84 -2.40
N THR A 827 -25.44 23.58 -1.97
CA THR A 827 -25.77 23.69 -0.55
C THR A 827 -25.11 22.60 0.29
N CYS A 828 -24.51 21.59 -0.33
CA CYS A 828 -23.96 20.50 0.47
C CYS A 828 -22.72 20.97 1.24
N GLU A 829 -22.37 20.20 2.25
CA GLU A 829 -21.32 20.60 3.18
C GLU A 829 -19.99 20.76 2.46
N ARG A 830 -19.22 21.76 2.91
CA ARG A 830 -17.94 22.05 2.28
C ARG A 830 -17.01 20.85 2.38
N ASP A 831 -16.90 20.27 3.57
CA ASP A 831 -16.02 19.12 3.80
C ASP A 831 -16.81 17.81 3.68
N SER A 832 -17.43 17.62 2.52
CA SER A 832 -18.15 16.39 2.23
C SER A 832 -17.17 15.30 1.85
N LEU A 833 -17.69 14.11 1.55
CA LEU A 833 -16.81 13.02 1.14
C LEU A 833 -16.13 13.34 -0.18
N ALA A 834 -16.86 13.89 -1.14
CA ALA A 834 -16.29 14.14 -2.45
C ALA A 834 -15.32 15.32 -2.42
N ASN A 835 -15.70 16.42 -1.77
CA ASN A 835 -14.85 17.59 -1.73
C ASN A 835 -13.52 17.28 -1.06
N VAL A 836 -13.57 16.58 0.08
CA VAL A 836 -12.34 16.22 0.78
C VAL A 836 -11.47 15.34 -0.10
N LEU A 837 -12.08 14.34 -0.73
CA LEU A 837 -11.32 13.44 -1.60
C LEU A 837 -10.89 14.15 -2.88
N GLU A 838 -11.69 15.11 -3.35
CA GLU A 838 -11.27 15.88 -4.52
C GLU A 838 -10.05 16.73 -4.20
N GLN A 839 -10.02 17.34 -3.02
CA GLN A 839 -8.88 18.17 -2.64
C GLN A 839 -7.66 17.35 -2.25
N GLU A 840 -7.84 16.06 -1.96
CA GLU A 840 -6.73 15.19 -1.62
C GLU A 840 -6.13 14.50 -2.84
N ARG A 841 -6.65 14.75 -4.04
CA ARG A 841 -6.07 14.19 -5.24
C ARG A 841 -4.74 14.84 -5.61
N HIS A 842 -4.40 15.97 -4.99
CA HIS A 842 -3.20 16.71 -5.33
C HIS A 842 -2.02 16.39 -4.41
N ARG A 843 -2.28 15.98 -3.17
CA ARG A 843 -1.23 15.65 -2.22
C ARG A 843 -1.14 14.17 -1.90
N SER A 844 -2.28 13.50 -1.70
CA SER A 844 -2.26 12.09 -1.37
C SER A 844 -1.92 11.25 -2.59
N THR A 845 -1.60 9.98 -2.34
CA THR A 845 -1.34 9.05 -3.43
C THR A 845 -2.59 8.66 -4.17
N ILE A 846 -3.77 9.00 -3.65
CA ILE A 846 -5.05 8.68 -4.30
C ILE A 846 -5.36 9.78 -5.31
N THR A 847 -4.87 9.63 -6.53
CA THR A 847 -4.95 10.70 -7.52
C THR A 847 -5.77 10.30 -8.73
N GLU A 848 -6.95 9.72 -8.52
CA GLU A 848 -7.85 9.41 -9.62
C GLU A 848 -9.27 9.81 -9.24
N PRO A 849 -10.09 10.19 -10.22
CA PRO A 849 -11.41 10.76 -9.90
C PRO A 849 -12.27 9.79 -9.11
N LEU A 850 -13.06 10.34 -8.19
CA LEU A 850 -13.98 9.55 -7.39
C LEU A 850 -15.19 9.17 -8.21
N ALA A 851 -15.63 7.92 -8.05
CA ALA A 851 -16.82 7.43 -8.76
C ALA A 851 -18.04 7.57 -7.86
N ASN A 852 -18.42 8.83 -7.64
CA ASN A 852 -19.51 9.15 -6.74
C ASN A 852 -20.84 8.74 -7.38
N TRP A 853 -21.51 7.74 -6.80
CA TRP A 853 -22.80 7.33 -7.30
C TRP A 853 -23.90 8.30 -6.89
N LEU A 854 -23.79 8.91 -5.72
CA LEU A 854 -24.83 9.81 -5.25
C LEU A 854 -24.97 11.01 -6.17
N ASP A 855 -23.83 11.57 -6.62
CA ASP A 855 -23.90 12.67 -7.58
C ASP A 855 -24.52 12.20 -8.90
N ASP A 856 -24.13 11.03 -9.38
CA ASP A 856 -24.70 10.52 -10.63
C ASP A 856 -26.18 10.24 -10.48
N TYR A 857 -26.60 9.70 -9.33
CA TYR A 857 -28.01 9.40 -9.14
C TYR A 857 -28.84 10.67 -9.21
N PHE A 858 -28.39 11.74 -8.56
CA PHE A 858 -29.14 12.99 -8.60
C PHE A 858 -29.11 13.62 -9.98
N MET A 859 -27.97 13.53 -10.66
CA MET A 859 -27.87 14.04 -12.02
C MET A 859 -28.81 13.29 -12.95
N PHE A 860 -28.93 11.97 -12.74
CA PHE A 860 -29.86 11.17 -13.54
C PHE A 860 -31.27 11.73 -13.47
N LEU A 861 -31.66 12.34 -12.36
CA LEU A 861 -32.99 12.90 -12.21
C LEU A 861 -33.12 14.29 -12.81
N ASN A 862 -32.03 14.85 -13.35
CA ASN A 862 -32.08 16.21 -13.87
C ASN A 862 -33.13 16.30 -14.97
N PRO A 863 -34.07 17.26 -14.88
CA PRO A 863 -35.07 17.38 -15.96
C PRO A 863 -34.45 17.65 -17.31
N GLN A 864 -33.31 18.33 -17.37
CA GLN A 864 -32.65 18.55 -18.65
C GLN A 864 -32.27 17.24 -19.33
N ASN A 865 -31.97 16.21 -18.54
CA ASN A 865 -31.70 14.88 -19.08
C ASN A 865 -33.04 14.14 -19.26
N ASP A 866 -33.79 14.59 -20.27
CA ASP A 866 -35.11 14.02 -20.52
C ASP A 866 -35.00 12.54 -20.88
N GLN A 867 -33.99 12.17 -21.66
CA GLN A 867 -33.85 10.78 -22.09
C GLN A 867 -33.60 9.86 -20.90
N CYS A 868 -32.82 10.31 -19.92
CA CYS A 868 -32.41 9.43 -18.82
C CYS A 868 -33.61 8.93 -18.04
N CYS A 869 -34.33 9.84 -17.38
CA CYS A 869 -35.46 9.49 -16.54
C CYS A 869 -36.75 9.87 -17.24
N ARG A 870 -37.68 8.92 -17.32
CA ARG A 870 -38.95 9.14 -18.00
C ARG A 870 -40.01 8.24 -17.39
N LEU A 871 -41.13 8.82 -16.99
CA LEU A 871 -42.24 8.09 -16.40
C LEU A 871 -43.51 8.28 -17.23
N LYS A 872 -44.41 7.31 -17.15
CA LYS A 872 -45.71 7.45 -17.78
C LYS A 872 -46.54 8.48 -17.06
N LYS A 873 -47.28 9.30 -17.82
CA LYS A 873 -48.10 10.35 -17.22
C LYS A 873 -49.19 9.74 -16.36
N GLY A 874 -49.43 10.36 -15.21
CA GLY A 874 -50.48 9.92 -14.31
C GLY A 874 -50.14 8.70 -13.50
N THR A 875 -48.89 8.22 -13.55
CA THR A 875 -48.50 7.04 -12.79
C THR A 875 -47.00 7.08 -12.60
N ASP A 876 -46.54 6.30 -11.61
CA ASP A 876 -45.12 6.16 -11.33
C ASP A 876 -44.48 5.03 -12.13
N GLU A 877 -45.24 4.35 -12.98
CA GLU A 877 -44.69 3.26 -13.76
C GLU A 877 -43.58 3.75 -14.66
N VAL A 878 -42.52 2.96 -14.79
CA VAL A 878 -41.42 3.31 -15.68
C VAL A 878 -41.88 3.22 -17.13
N CYS A 879 -41.19 3.96 -18.00
CA CYS A 879 -41.52 4.02 -19.43
C CYS A 879 -40.27 3.60 -20.19
N PRO A 880 -40.07 2.31 -20.40
CA PRO A 880 -38.84 1.84 -21.05
C PRO A 880 -38.80 2.26 -22.51
N PRO A 881 -37.66 2.06 -23.19
CA PRO A 881 -37.59 2.41 -24.61
C PRO A 881 -38.54 1.61 -25.48
N SER A 882 -39.13 0.52 -24.97
CA SER A 882 -40.10 -0.24 -25.72
C SER A 882 -41.39 0.54 -25.96
N PHE A 883 -41.57 1.68 -25.29
CA PHE A 883 -42.73 2.54 -25.48
C PHE A 883 -42.24 3.95 -25.80
N PRO A 884 -41.74 4.17 -27.02
CA PRO A 884 -41.17 5.48 -27.36
C PRO A 884 -42.22 6.56 -27.56
N SER A 885 -43.48 6.23 -27.33
CA SER A 885 -44.53 7.23 -27.46
C SER A 885 -44.26 8.39 -26.53
N ARG A 886 -44.54 9.60 -27.01
CA ARG A 886 -44.23 10.82 -26.28
C ARG A 886 -45.19 11.09 -25.13
N ARG A 887 -46.03 10.13 -24.75
CA ARG A 887 -46.83 10.28 -23.55
C ARG A 887 -45.94 10.40 -22.32
N CYS A 888 -44.85 9.64 -22.29
CA CYS A 888 -43.93 9.69 -21.15
C CYS A 888 -43.32 11.07 -21.01
N GLU A 889 -43.12 11.50 -19.77
CA GLU A 889 -42.46 12.75 -19.46
C GLU A 889 -41.43 12.50 -18.37
N THR A 890 -40.52 13.46 -18.19
CA THR A 890 -39.47 13.30 -17.20
C THR A 890 -40.05 13.20 -15.80
N CYS A 891 -39.39 12.42 -14.95
CA CYS A 891 -39.90 12.19 -13.60
C CYS A 891 -39.98 13.49 -12.81
N PHE A 892 -38.96 14.34 -12.94
CA PHE A 892 -38.89 15.61 -12.22
C PHE A 892 -39.21 16.75 -13.17
N GLN A 893 -40.05 17.68 -12.71
CA GLN A 893 -40.39 18.84 -13.51
C GLN A 893 -39.19 19.78 -13.63
N GLN A 894 -39.22 20.61 -14.67
CA GLN A 894 -38.13 21.55 -14.89
C GLN A 894 -37.99 22.53 -13.74
N GLY A 895 -39.11 23.02 -13.22
CA GLY A 895 -39.09 24.02 -12.17
C GLY A 895 -38.88 23.48 -10.77
N SER A 896 -38.81 22.16 -10.60
CA SER A 896 -38.63 21.57 -9.27
C SER A 896 -37.16 21.28 -8.98
N TRP A 897 -36.54 20.44 -9.80
CA TRP A 897 -35.14 20.10 -9.60
C TRP A 897 -34.26 21.34 -9.72
N ASN A 898 -33.39 21.55 -8.74
CA ASN A 898 -32.48 22.69 -8.74
C ASN A 898 -31.11 22.21 -8.29
N TYR A 899 -30.07 22.92 -8.74
CA TYR A 899 -28.70 22.55 -8.40
C TYR A 899 -28.40 22.74 -6.93
N ASN A 900 -29.25 23.43 -6.19
CA ASN A 900 -29.04 23.67 -4.76
C ASN A 900 -29.81 22.68 -3.89
N MET A 901 -30.04 21.47 -4.39
CA MET A 901 -30.69 20.40 -3.64
C MET A 901 -32.00 20.90 -3.01
N SER A 902 -32.93 21.30 -3.89
CA SER A 902 -34.22 21.82 -3.45
C SER A 902 -35.32 20.77 -3.53
N GLY A 903 -35.55 20.21 -4.71
CA GLY A 903 -36.60 19.22 -4.89
C GLY A 903 -36.11 17.80 -4.83
N PHE A 904 -34.89 17.61 -4.34
CA PHE A 904 -34.29 16.29 -4.33
C PHE A 904 -35.07 15.35 -3.40
N PRO A 905 -35.09 14.06 -3.68
CA PRO A 905 -35.79 13.13 -2.79
C PRO A 905 -35.23 13.18 -1.37
N GLU A 906 -36.13 13.12 -0.39
CA GLU A 906 -35.73 13.22 1.00
C GLU A 906 -36.28 12.06 1.83
N GLY A 907 -37.49 11.60 1.52
CA GLY A 907 -38.13 10.53 2.25
C GLY A 907 -37.99 9.20 1.55
N LYS A 908 -39.09 8.44 1.52
CA LYS A 908 -39.09 7.18 0.80
C LYS A 908 -38.89 7.38 -0.69
N ASP A 909 -39.14 8.59 -1.20
CA ASP A 909 -38.94 8.85 -2.62
C ASP A 909 -37.50 8.61 -3.05
N PHE A 910 -36.55 8.67 -2.13
CA PHE A 910 -35.17 8.38 -2.48
C PHE A 910 -35.03 6.98 -3.06
N MET A 911 -35.70 6.01 -2.45
CA MET A 911 -35.71 4.66 -3.00
C MET A 911 -36.63 4.52 -4.19
N GLU A 912 -37.76 5.25 -4.19
CA GLU A 912 -38.68 5.15 -5.32
C GLU A 912 -37.98 5.50 -6.63
N TYR A 913 -36.96 6.35 -6.58
CA TYR A 913 -36.19 6.72 -7.77
C TYR A 913 -34.85 6.02 -7.85
N LEU A 914 -34.27 5.60 -6.72
CA LEU A 914 -33.00 4.88 -6.76
C LEU A 914 -33.16 3.56 -7.50
N SER A 915 -34.24 2.84 -7.24
CA SER A 915 -34.49 1.58 -7.94
C SER A 915 -34.65 1.82 -9.44
N ILE A 916 -35.36 2.89 -9.82
CA ILE A 916 -35.49 3.22 -11.23
C ILE A 916 -34.13 3.53 -11.83
N TRP A 917 -33.31 4.32 -11.11
CA TRP A 917 -32.01 4.69 -11.62
C TRP A 917 -31.09 3.48 -11.74
N ILE A 918 -31.01 2.68 -10.69
CA ILE A 918 -30.04 1.59 -10.68
C ILE A 918 -30.36 0.56 -11.75
N ASN A 919 -31.61 0.51 -12.21
CA ASN A 919 -32.02 -0.41 -13.27
C ASN A 919 -32.11 0.28 -14.63
N ALA A 920 -31.65 1.52 -14.74
CA ALA A 920 -31.76 2.24 -16.00
C ALA A 920 -30.90 1.56 -17.06
N PRO A 921 -31.34 1.55 -18.32
CA PRO A 921 -30.54 0.86 -19.35
C PRO A 921 -29.13 1.40 -19.49
N SER A 922 -28.95 2.72 -19.36
CA SER A 922 -27.67 3.42 -19.49
C SER A 922 -27.22 3.55 -20.94
N ASP A 923 -27.96 3.00 -21.90
CA ASP A 923 -27.61 3.15 -23.31
C ASP A 923 -28.17 4.46 -23.88
N PRO A 924 -29.45 4.79 -23.64
CA PRO A 924 -29.98 6.04 -24.20
C PRO A 924 -29.19 7.27 -23.79
N CYS A 925 -28.73 7.32 -22.55
CA CYS A 925 -27.95 8.43 -22.04
C CYS A 925 -26.82 7.90 -21.17
N PRO A 926 -25.70 8.63 -21.09
CA PRO A 926 -24.56 8.11 -20.30
C PRO A 926 -24.88 7.91 -18.83
N LEU A 927 -25.84 8.65 -18.29
CA LEU A 927 -26.18 8.56 -16.87
C LEU A 927 -27.08 7.36 -16.65
N GLY A 928 -26.50 6.28 -16.11
CA GLY A 928 -27.25 5.07 -15.80
C GLY A 928 -26.67 4.42 -14.57
N GLY A 929 -27.41 3.44 -14.05
CA GLY A 929 -27.01 2.80 -12.81
C GLY A 929 -26.73 1.32 -12.92
N ARG A 930 -27.38 0.65 -13.87
CA ARG A 930 -27.27 -0.80 -13.94
C ARG A 930 -25.83 -1.23 -14.19
N ALA A 931 -25.15 -0.57 -15.12
CA ALA A 931 -23.79 -0.97 -15.46
C ALA A 931 -22.78 -0.54 -14.40
N PRO A 932 -22.66 0.77 -14.12
CA PRO A 932 -21.56 1.23 -13.26
C PRO A 932 -21.77 1.00 -11.77
N TYR A 933 -22.99 1.20 -11.28
CA TYR A 933 -23.26 1.20 -9.83
C TYR A 933 -24.37 0.22 -9.48
N SER A 934 -24.30 -0.99 -10.04
CA SER A 934 -25.23 -2.04 -9.65
C SER A 934 -24.72 -2.84 -8.47
N THR A 935 -23.40 -3.06 -8.42
CA THR A 935 -22.75 -3.75 -7.32
C THR A 935 -22.02 -2.81 -6.37
N ALA A 936 -22.30 -1.51 -6.46
CA ALA A 936 -21.61 -0.52 -5.65
C ALA A 936 -22.34 -0.18 -4.35
N LEU A 937 -23.64 -0.43 -4.28
CA LEU A 937 -24.41 -0.11 -3.08
C LEU A 937 -25.36 -1.25 -2.76
N VAL A 938 -25.58 -1.45 -1.46
CA VAL A 938 -26.45 -2.50 -0.94
C VAL A 938 -27.66 -1.84 -0.30
N TYR A 939 -28.85 -2.21 -0.75
CA TYR A 939 -30.08 -1.59 -0.29
C TYR A 939 -31.16 -2.66 -0.18
N ASN A 940 -32.18 -2.35 0.62
CA ASN A 940 -33.31 -3.26 0.84
C ASN A 940 -34.63 -2.51 0.73
N GLU A 941 -34.73 -1.60 -0.25
CA GLU A 941 -35.98 -0.92 -0.58
C GLU A 941 -36.35 0.12 0.47
N THR A 942 -35.61 0.19 1.57
CA THR A 942 -35.88 1.18 2.62
C THR A 942 -34.70 2.08 2.88
N SER A 943 -33.50 1.53 3.02
CA SER A 943 -32.30 2.32 3.30
C SER A 943 -31.11 1.69 2.60
N VAL A 944 -30.08 2.49 2.37
CA VAL A 944 -28.83 2.01 1.78
C VAL A 944 -27.95 1.51 2.91
N SER A 945 -27.83 0.19 3.03
CA SER A 945 -27.05 -0.38 4.12
C SER A 945 -25.58 0.03 4.02
N ALA A 946 -25.03 0.01 2.82
CA ALA A 946 -23.64 0.41 2.61
C ALA A 946 -23.47 0.83 1.16
N SER A 947 -22.35 1.50 0.89
CA SER A 947 -22.06 1.94 -0.47
C SER A 947 -20.56 2.09 -0.62
N VAL A 948 -20.11 2.11 -1.88
CA VAL A 948 -18.70 2.13 -2.21
C VAL A 948 -18.44 3.18 -3.26
N PHE A 949 -17.36 3.94 -3.09
CA PHE A 949 -16.97 5.02 -3.99
C PHE A 949 -15.56 4.72 -4.49
N ARG A 950 -15.46 3.99 -5.59
CA ARG A 950 -14.16 3.63 -6.14
C ARG A 950 -13.37 4.88 -6.48
N THR A 951 -12.10 4.92 -6.06
CA THR A 951 -11.23 6.07 -6.30
C THR A 951 -9.97 5.71 -7.07
N ALA A 952 -9.27 4.65 -6.67
CA ALA A 952 -8.05 4.19 -7.34
C ALA A 952 -6.83 4.99 -6.90
N HIS A 953 -5.68 4.32 -6.84
CA HIS A 953 -4.43 4.93 -6.40
C HIS A 953 -3.65 5.47 -7.60
N HIS A 954 -2.44 5.96 -7.35
CA HIS A 954 -1.49 6.26 -8.41
C HIS A 954 -0.56 5.08 -8.58
N PRO A 955 0.28 5.08 -9.63
CA PRO A 955 1.02 3.87 -10.02
C PRO A 955 1.49 2.96 -8.88
N LEU A 956 2.10 3.51 -7.84
CA LEU A 956 2.60 2.71 -6.72
C LEU A 956 3.56 1.62 -7.20
N ARG A 957 4.70 2.06 -7.72
CA ARG A 957 5.70 1.16 -8.32
C ARG A 957 6.94 1.04 -7.44
N SER A 958 6.78 0.96 -6.12
CA SER A 958 7.90 0.73 -5.23
C SER A 958 7.36 0.29 -3.87
N GLN A 959 8.22 -0.36 -3.10
CA GLN A 959 7.81 -0.81 -1.78
C GLN A 959 7.55 0.36 -0.85
N LYS A 960 8.33 1.44 -0.99
CA LYS A 960 8.07 2.63 -0.19
C LYS A 960 6.71 3.24 -0.53
N ASP A 961 6.36 3.27 -1.81
CA ASP A 961 5.06 3.77 -2.20
C ASP A 961 3.94 2.90 -1.65
N PHE A 962 4.11 1.58 -1.67
CA PHE A 962 3.08 0.69 -1.16
C PHE A 962 2.76 1.00 0.29
N ILE A 963 3.78 1.15 1.12
CA ILE A 963 3.56 1.52 2.52
C ILE A 963 3.00 2.92 2.61
N GLN A 964 3.47 3.82 1.74
CA GLN A 964 2.93 5.17 1.70
C GLN A 964 1.45 5.17 1.35
N ALA A 965 1.06 4.34 0.39
CA ALA A 965 -0.34 4.26 0.00
C ALA A 965 -1.20 3.80 1.16
N TYR A 966 -0.75 2.77 1.89
CA TYR A 966 -1.54 2.25 3.00
C TYR A 966 -1.81 3.34 4.04
N SER A 967 -0.80 4.19 4.30
CA SER A 967 -0.99 5.25 5.28
C SER A 967 -2.09 6.22 4.84
N ASP A 968 -2.15 6.50 3.54
CA ASP A 968 -3.19 7.41 3.04
C ASP A 968 -4.58 6.84 3.30
N GLY A 969 -4.76 5.55 3.05
CA GLY A 969 -6.06 4.94 3.32
C GLY A 969 -6.44 5.03 4.78
N VAL A 970 -5.49 4.76 5.67
CA VAL A 970 -5.76 4.87 7.10
C VAL A 970 -5.98 6.33 7.48
N ARG A 971 -5.21 7.24 6.90
CA ARG A 971 -5.35 8.65 7.23
C ARG A 971 -6.69 9.19 6.73
N ILE A 972 -7.02 8.93 5.46
CA ILE A 972 -8.27 9.44 4.91
C ILE A 972 -9.46 8.77 5.57
N SER A 973 -9.35 7.48 5.87
CA SER A 973 -10.44 6.78 6.56
C SER A 973 -10.78 7.47 7.88
N SER A 974 -9.76 7.93 8.61
CA SER A 974 -9.96 8.61 9.86
C SER A 974 -10.22 10.11 9.68
N SER A 975 -10.05 10.64 8.47
CA SER A 975 -10.29 12.06 8.24
C SER A 975 -11.77 12.42 8.35
N PHE A 976 -12.66 11.44 8.30
CA PHE A 976 -14.10 11.67 8.39
C PHE A 976 -14.63 11.12 9.71
N PRO A 977 -14.90 11.97 10.70
CA PRO A 977 -15.40 11.45 11.98
C PRO A 977 -16.91 11.30 12.01
N GLU A 978 -17.60 11.92 11.06
CA GLU A 978 -19.06 11.86 11.00
C GLU A 978 -19.58 10.71 10.15
N LEU A 979 -18.70 9.95 9.50
CA LEU A 979 -19.11 8.84 8.65
C LEU A 979 -18.45 7.56 9.12
N ASP A 980 -19.23 6.48 9.14
CA ASP A 980 -18.69 5.15 9.42
C ASP A 980 -18.08 4.62 8.13
N MET A 981 -16.85 5.06 7.86
CA MET A 981 -16.23 4.89 6.57
C MET A 981 -14.87 4.21 6.73
N PHE A 982 -14.49 3.44 5.72
CA PHE A 982 -13.16 2.87 5.66
C PHE A 982 -12.78 2.64 4.20
N ALA A 983 -11.48 2.59 3.94
CA ALA A 983 -10.95 2.46 2.58
C ALA A 983 -10.37 1.07 2.41
N TYR A 984 -10.80 0.37 1.37
CA TYR A 984 -10.36 -1.00 1.09
C TYR A 984 -9.70 -1.05 -0.27
N SER A 985 -8.47 -1.56 -0.31
CA SER A 985 -7.77 -1.88 -1.53
C SER A 985 -7.20 -3.28 -1.38
N PRO A 986 -7.00 -4.01 -2.49
CA PRO A 986 -6.59 -5.41 -2.35
C PRO A 986 -5.33 -5.61 -1.53
N PHE A 987 -4.36 -4.69 -1.63
CA PHE A 987 -3.06 -4.89 -1.00
C PHE A 987 -2.99 -4.37 0.43
N TYR A 988 -4.06 -3.78 0.97
CA TYR A 988 -3.96 -3.15 2.28
C TYR A 988 -3.62 -4.17 3.36
N ILE A 989 -4.18 -5.37 3.27
CA ILE A 989 -3.98 -6.37 4.32
C ILE A 989 -2.51 -6.74 4.44
N PHE A 990 -1.82 -6.89 3.31
CA PHE A 990 -0.43 -7.34 3.35
C PHE A 990 0.46 -6.32 4.04
N PHE A 991 0.22 -5.03 3.82
CA PHE A 991 1.09 -3.97 4.31
C PHE A 991 0.62 -3.37 5.63
N VAL A 992 -0.27 -4.07 6.35
CA VAL A 992 -0.73 -3.57 7.64
C VAL A 992 0.40 -3.57 8.66
N GLN A 993 1.28 -4.57 8.60
CA GLN A 993 2.30 -4.74 9.63
C GLN A 993 3.27 -3.56 9.66
N TYR A 994 3.63 -3.03 8.49
CA TYR A 994 4.70 -2.05 8.41
C TYR A 994 4.38 -0.77 9.16
N GLN A 995 3.10 -0.53 9.48
CA GLN A 995 2.76 0.66 10.26
C GLN A 995 3.42 0.62 11.63
N THR A 996 3.24 -0.49 12.34
CA THR A 996 3.78 -0.64 13.69
C THR A 996 5.04 -1.49 13.73
N LEU A 997 5.61 -1.83 12.57
CA LEU A 997 6.81 -2.67 12.56
C LEU A 997 8.01 -1.95 13.14
N GLY A 998 7.99 -0.62 13.19
CA GLY A 998 9.08 0.12 13.78
C GLY A 998 9.10 0.00 15.29
N PRO A 999 8.06 0.53 15.95
CA PRO A 999 7.97 0.36 17.40
C PRO A 999 7.91 -1.09 17.84
N LEU A 1000 7.30 -1.97 17.05
CA LEU A 1000 7.13 -3.35 17.47
C LEU A 1000 8.48 -4.03 17.67
N THR A 1001 9.35 -3.97 16.67
CA THR A 1001 10.64 -4.63 16.79
C THR A 1001 11.47 -4.06 17.93
N LEU A 1002 11.15 -2.84 18.38
CA LEU A 1002 11.83 -2.31 19.55
C LEU A 1002 11.42 -3.06 20.81
N LYS A 1003 10.13 -3.36 20.93
CA LYS A 1003 9.64 -4.04 22.14
C LYS A 1003 10.05 -5.50 22.15
N LEU A 1004 9.93 -6.20 21.02
CA LEU A 1004 10.25 -7.62 20.99
C LEU A 1004 11.73 -7.85 21.26
N ILE A 1005 12.59 -7.02 20.67
CA ILE A 1005 14.03 -7.16 20.91
C ILE A 1005 14.42 -6.46 22.20
N GLY A 1006 13.80 -5.33 22.51
CA GLY A 1006 14.09 -4.65 23.75
C GLY A 1006 13.71 -5.48 24.96
N SER A 1007 12.56 -6.15 24.89
CA SER A 1007 12.13 -7.01 26.00
C SER A 1007 12.99 -8.25 26.11
N ALA A 1008 13.47 -8.78 24.99
CA ALA A 1008 14.32 -9.96 25.04
C ALA A 1008 15.60 -9.69 25.81
N ILE A 1009 16.21 -8.52 25.59
CA ILE A 1009 17.45 -8.18 26.28
C ILE A 1009 17.24 -8.16 27.78
N ILE A 1010 16.10 -7.62 28.23
CA ILE A 1010 15.81 -7.58 29.66
C ILE A 1010 15.69 -9.01 30.21
N LEU A 1011 15.11 -9.91 29.42
CA LEU A 1011 15.05 -11.31 29.84
C LEU A 1011 16.45 -11.90 29.99
N ILE A 1012 17.34 -11.60 29.04
CA ILE A 1012 18.71 -12.09 29.15
C ILE A 1012 19.35 -11.59 30.43
N PHE A 1013 19.13 -10.32 30.77
CA PHE A 1013 19.73 -9.77 31.98
C PHE A 1013 19.06 -10.33 33.24
N PHE A 1014 17.84 -10.85 33.13
CA PHE A 1014 17.11 -11.34 34.29
C PHE A 1014 17.09 -12.86 34.39
N ILE A 1015 17.01 -13.56 33.27
CA ILE A 1015 17.08 -15.02 33.29
C ILE A 1015 18.49 -15.48 33.66
N SER A 1016 19.50 -14.76 33.18
CA SER A 1016 20.89 -15.10 33.48
C SER A 1016 21.42 -14.42 34.73
N SER A 1017 20.63 -13.56 35.36
CA SER A 1017 21.06 -12.96 36.62
C SER A 1017 20.99 -13.95 37.76
N VAL A 1018 19.93 -14.76 37.80
CA VAL A 1018 19.79 -15.74 38.88
C VAL A 1018 20.87 -16.81 38.77
N PHE A 1019 21.12 -17.31 37.56
CA PHE A 1019 22.09 -18.39 37.39
C PHE A 1019 23.50 -17.91 37.71
N LEU A 1020 23.88 -16.73 37.22
CA LEU A 1020 25.21 -16.21 37.49
C LEU A 1020 25.34 -15.67 38.90
N GLN A 1021 24.26 -15.15 39.47
CA GLN A 1021 24.30 -14.50 40.79
C GLN A 1021 25.38 -13.43 40.81
N ASN A 1022 25.47 -12.65 39.73
CA ASN A 1022 26.44 -11.57 39.64
C ASN A 1022 25.86 -10.54 38.67
N ILE A 1023 25.33 -9.45 39.22
CA ILE A 1023 24.72 -8.43 38.38
C ILE A 1023 25.74 -7.88 37.39
N ARG A 1024 26.99 -7.70 37.84
CA ARG A 1024 28.00 -7.15 36.95
C ARG A 1024 28.23 -8.06 35.75
N SER A 1025 28.30 -9.38 35.97
CA SER A 1025 28.52 -10.30 34.87
C SER A 1025 27.26 -10.49 34.03
N SER A 1026 26.09 -10.30 34.63
CA SER A 1026 24.86 -10.41 33.88
C SER A 1026 24.63 -9.18 33.01
N PHE A 1027 24.96 -7.99 33.52
CA PHE A 1027 24.81 -6.78 32.72
C PHE A 1027 25.73 -6.81 31.50
N LEU A 1028 26.98 -7.26 31.69
CA LEU A 1028 27.90 -7.34 30.57
C LEU A 1028 27.43 -8.36 29.53
N LEU A 1029 26.84 -9.47 29.99
CA LEU A 1029 26.28 -10.43 29.05
C LEU A 1029 25.16 -9.80 28.22
N ALA A 1030 24.29 -9.01 28.87
CA ALA A 1030 23.25 -8.30 28.13
C ALA A 1030 23.80 -7.08 27.42
N LEU A 1031 24.99 -6.61 27.79
CA LEU A 1031 25.62 -5.50 27.08
C LEU A 1031 26.25 -5.96 25.77
N VAL A 1032 26.74 -7.19 25.71
CA VAL A 1032 27.31 -7.71 24.48
C VAL A 1032 26.25 -8.35 23.60
N VAL A 1033 25.16 -8.85 24.19
CA VAL A 1033 24.06 -9.38 23.38
C VAL A 1033 23.39 -8.25 22.63
N THR A 1034 23.29 -7.07 23.23
CA THR A 1034 22.72 -5.91 22.55
C THR A 1034 23.68 -5.34 21.51
N MET A 1035 24.98 -5.44 21.75
CA MET A 1035 25.94 -4.97 20.75
C MET A 1035 25.85 -5.78 19.48
N ILE A 1036 25.55 -7.08 19.60
CA ILE A 1036 25.48 -7.94 18.43
C ILE A 1036 24.30 -7.54 17.54
N ILE A 1037 23.13 -7.35 18.14
CA ILE A 1037 21.94 -7.02 17.34
C ILE A 1037 22.06 -5.61 16.78
N VAL A 1038 22.57 -4.66 17.57
CA VAL A 1038 22.77 -3.31 17.05
C VAL A 1038 23.77 -3.34 15.90
N ASP A 1039 24.85 -4.11 16.06
CA ASP A 1039 25.80 -4.25 14.97
C ASP A 1039 25.17 -4.97 13.78
N ILE A 1040 24.37 -6.00 14.03
CA ILE A 1040 23.65 -6.66 12.95
C ILE A 1040 22.53 -5.76 12.44
N GLY A 1041 22.05 -4.83 13.28
CA GLY A 1041 21.01 -3.92 12.86
C GLY A 1041 21.50 -2.77 12.00
N ALA A 1042 22.81 -2.54 11.96
CA ALA A 1042 23.37 -1.52 11.08
C ALA A 1042 23.93 -2.10 9.79
N LEU A 1043 24.32 -3.37 9.80
CA LEU A 1043 24.72 -4.04 8.57
C LEU A 1043 23.51 -4.44 7.72
N MET A 1044 22.32 -4.49 8.31
CA MET A 1044 21.11 -4.70 7.52
C MET A 1044 20.88 -3.53 6.58
N ALA A 1045 21.07 -2.30 7.06
CA ALA A 1045 20.99 -1.14 6.19
C ALA A 1045 22.10 -1.16 5.14
N LEU A 1046 23.30 -1.55 5.55
CA LEU A 1046 24.43 -1.54 4.62
C LEU A 1046 24.37 -2.69 3.64
N LEU A 1047 23.79 -3.82 4.04
CA LEU A 1047 23.68 -5.00 3.19
C LEU A 1047 22.39 -5.04 2.40
N GLY A 1048 21.57 -4.00 2.48
CA GLY A 1048 20.32 -3.97 1.73
C GLY A 1048 19.34 -5.04 2.15
N ILE A 1049 19.21 -5.29 3.45
CA ILE A 1049 18.22 -6.21 3.99
C ILE A 1049 17.13 -5.40 4.65
N SER A 1050 15.90 -5.55 4.18
CA SER A 1050 14.79 -4.79 4.72
C SER A 1050 14.32 -5.41 6.04
N LEU A 1051 13.39 -4.71 6.69
CA LEU A 1051 12.80 -5.18 7.93
C LEU A 1051 11.35 -5.58 7.69
N ASN A 1052 11.03 -6.83 8.03
CA ASN A 1052 9.70 -7.38 7.80
C ASN A 1052 9.53 -8.60 8.69
N ALA A 1053 8.46 -9.36 8.45
CA ALA A 1053 8.22 -10.56 9.24
C ALA A 1053 9.34 -11.59 9.04
N VAL A 1054 9.77 -11.78 7.80
CA VAL A 1054 10.85 -12.72 7.53
C VAL A 1054 12.15 -12.25 8.17
N SER A 1055 12.40 -10.93 8.13
CA SER A 1055 13.59 -10.39 8.75
C SER A 1055 13.44 -10.32 10.27
N LEU A 1056 12.23 -10.04 10.75
CA LEU A 1056 12.04 -9.88 12.18
C LEU A 1056 12.33 -11.19 12.93
N VAL A 1057 11.87 -12.32 12.39
CA VAL A 1057 12.16 -13.59 13.04
C VAL A 1057 13.65 -13.85 13.05
N ASN A 1058 14.33 -13.57 11.92
CA ASN A 1058 15.78 -13.75 11.88
C ASN A 1058 16.46 -12.86 12.92
N LEU A 1059 15.97 -11.64 13.09
CA LEU A 1059 16.59 -10.74 14.07
C LEU A 1059 16.33 -11.20 15.48
N ILE A 1060 15.30 -12.01 15.71
CA ILE A 1060 15.07 -12.56 17.05
C ILE A 1060 16.05 -13.68 17.34
N ILE A 1061 16.28 -14.59 16.39
CA ILE A 1061 17.23 -15.67 16.62
C ILE A 1061 18.67 -15.18 16.65
N CYS A 1062 18.91 -13.94 16.25
CA CYS A 1062 20.22 -13.35 16.50
C CYS A 1062 20.45 -13.15 17.99
N VAL A 1063 19.40 -12.78 18.73
CA VAL A 1063 19.50 -12.73 20.18
C VAL A 1063 19.58 -14.15 20.74
N GLY A 1064 18.79 -15.07 20.18
CA GLY A 1064 18.84 -16.46 20.65
C GLY A 1064 20.18 -17.12 20.39
N LEU A 1065 20.81 -16.78 19.28
CA LEU A 1065 22.13 -17.32 18.97
C LEU A 1065 23.26 -16.43 19.46
N GLY A 1066 23.01 -15.12 19.59
CA GLY A 1066 24.02 -14.26 20.19
C GLY A 1066 24.31 -14.62 21.62
N VAL A 1067 23.28 -15.01 22.38
CA VAL A 1067 23.49 -15.41 23.77
C VAL A 1067 24.13 -16.79 23.83
N GLU A 1068 24.02 -17.58 22.77
CA GLU A 1068 24.65 -18.91 22.78
C GLU A 1068 26.17 -18.80 22.87
N PHE A 1069 26.76 -17.89 22.11
CA PHE A 1069 28.22 -17.72 22.15
C PHE A 1069 28.66 -17.17 23.50
N CYS A 1070 28.03 -16.09 23.95
CA CYS A 1070 28.58 -15.32 25.07
C CYS A 1070 28.19 -15.90 26.42
N VAL A 1071 27.05 -16.59 26.51
CA VAL A 1071 26.57 -17.04 27.81
C VAL A 1071 27.51 -18.08 28.42
N HIS A 1072 28.02 -18.99 27.59
CA HIS A 1072 28.90 -20.03 28.10
C HIS A 1072 30.19 -19.43 28.64
N ILE A 1073 30.77 -18.47 27.91
CA ILE A 1073 32.04 -17.87 28.35
C ILE A 1073 31.85 -17.11 29.64
N VAL A 1074 30.73 -16.38 29.76
CA VAL A 1074 30.51 -15.56 30.96
C VAL A 1074 30.32 -16.44 32.18
N ARG A 1075 29.57 -17.54 32.04
CA ARG A 1075 29.35 -18.42 33.19
C ARG A 1075 30.65 -19.06 33.65
N SER A 1076 31.46 -19.56 32.72
CA SER A 1076 32.75 -20.13 33.11
C SER A 1076 33.66 -19.09 33.74
N PHE A 1077 33.43 -17.81 33.48
CA PHE A 1077 34.22 -16.76 34.10
C PHE A 1077 33.81 -16.52 35.55
N THR A 1078 32.59 -16.89 35.92
CA THR A 1078 32.05 -16.61 37.24
C THR A 1078 31.95 -17.83 38.15
N VAL A 1079 32.08 -19.04 37.59
CA VAL A 1079 31.92 -20.26 38.37
C VAL A 1079 33.21 -21.05 38.26
N VAL A 1080 34.33 -20.35 38.20
CA VAL A 1080 35.64 -20.98 38.01
C VAL A 1080 35.90 -21.96 39.14
N PRO A 1081 36.58 -23.08 38.90
CA PRO A 1081 36.91 -23.98 40.00
C PRO A 1081 37.92 -23.36 40.95
N SER A 1082 37.96 -23.90 42.17
CA SER A 1082 38.85 -23.37 43.20
C SER A 1082 40.32 -23.48 42.79
N GLU A 1083 40.65 -24.39 41.88
CA GLU A 1083 42.05 -24.57 41.50
C GLU A 1083 42.62 -23.30 40.86
N THR A 1084 41.86 -22.66 39.98
CA THR A 1084 42.34 -21.47 39.30
C THR A 1084 42.33 -20.27 40.23
N LYS A 1085 43.21 -19.30 39.92
CA LYS A 1085 43.28 -18.09 40.71
C LYS A 1085 42.00 -17.29 40.58
N LYS A 1086 41.69 -16.52 41.62
CA LYS A 1086 40.47 -15.70 41.65
C LYS A 1086 40.85 -14.27 41.31
N ASP A 1087 40.93 -14.00 40.00
CA ASP A 1087 41.16 -12.66 39.50
C ASP A 1087 40.54 -12.54 38.11
N ALA A 1088 40.32 -11.31 37.69
CA ALA A 1088 39.64 -11.08 36.41
C ALA A 1088 40.43 -11.68 35.26
N ASN A 1089 41.74 -11.45 35.22
CA ASN A 1089 42.53 -11.90 34.07
C ASN A 1089 42.69 -13.41 34.06
N SER A 1090 43.01 -14.02 35.21
CA SER A 1090 43.24 -15.46 35.24
C SER A 1090 41.96 -16.23 34.93
N ARG A 1091 40.83 -15.79 35.49
CA ARG A 1091 39.57 -16.47 35.22
C ARG A 1091 39.21 -16.38 33.74
N VAL A 1092 39.37 -15.19 33.14
CA VAL A 1092 39.03 -15.01 31.74
C VAL A 1092 39.90 -15.91 30.87
N LEU A 1093 41.19 -15.98 31.17
CA LEU A 1093 42.08 -16.86 30.42
C LEU A 1093 41.68 -18.32 30.60
N TYR A 1094 41.29 -18.70 31.83
CA TYR A 1094 40.88 -20.08 32.07
C TYR A 1094 39.67 -20.46 31.24
N SER A 1095 38.64 -19.60 31.22
CA SER A 1095 37.42 -19.94 30.52
C SER A 1095 37.67 -20.14 29.03
N LEU A 1096 38.46 -19.25 28.42
CA LEU A 1096 38.73 -19.35 26.99
C LEU A 1096 39.48 -20.63 26.67
N ASN A 1097 40.43 -21.02 27.52
CA ASN A 1097 41.07 -22.31 27.36
C ASN A 1097 40.07 -23.45 27.54
N THR A 1098 39.16 -23.31 28.50
CA THR A 1098 38.22 -24.37 28.82
C THR A 1098 37.03 -24.37 27.87
N ILE A 1099 36.26 -23.27 27.86
CA ILE A 1099 35.01 -23.21 27.11
C ILE A 1099 35.15 -22.37 25.85
N GLY A 1100 36.37 -21.98 25.49
CA GLY A 1100 36.58 -21.22 24.28
C GLY A 1100 36.79 -22.09 23.07
N GLU A 1101 37.54 -23.19 23.24
CA GLU A 1101 37.72 -24.13 22.13
C GLU A 1101 36.40 -24.76 21.73
N SER A 1102 35.55 -25.08 22.71
CA SER A 1102 34.25 -25.64 22.41
C SER A 1102 33.41 -24.70 21.56
N VAL A 1103 33.72 -23.40 21.58
CA VAL A 1103 32.99 -22.43 20.76
C VAL A 1103 33.66 -22.25 19.40
N ILE A 1104 34.99 -22.19 19.36
CA ILE A 1104 35.68 -22.03 18.08
C ILE A 1104 35.47 -23.26 17.20
N LYS A 1105 35.56 -24.45 17.78
CA LYS A 1105 35.38 -25.69 17.05
C LYS A 1105 33.93 -26.17 17.06
N GLY A 1106 33.06 -25.51 17.80
CA GLY A 1106 31.69 -25.97 17.92
C GLY A 1106 30.73 -25.17 17.07
N ILE A 1107 30.00 -24.25 17.71
CA ILE A 1107 29.01 -23.45 16.98
C ILE A 1107 29.69 -22.57 15.95
N THR A 1108 30.80 -21.91 16.32
CA THR A 1108 31.42 -20.95 15.42
C THR A 1108 31.73 -21.59 14.07
N LEU A 1109 32.57 -22.63 14.07
CA LEU A 1109 33.00 -23.21 12.80
C LEU A 1109 31.92 -24.09 12.17
N THR A 1110 31.12 -24.78 13.00
CA THR A 1110 30.08 -25.64 12.45
C THR A 1110 29.09 -24.83 11.63
N LYS A 1111 28.67 -23.67 12.15
CA LYS A 1111 27.74 -22.81 11.44
C LYS A 1111 28.44 -21.94 10.39
N PHE A 1112 29.76 -21.83 10.44
CA PHE A 1112 30.49 -21.05 9.45
C PHE A 1112 30.95 -21.89 8.26
N ILE A 1113 31.23 -23.17 8.49
CA ILE A 1113 31.58 -24.06 7.39
C ILE A 1113 30.37 -24.34 6.52
N GLY A 1114 29.21 -24.56 7.15
CA GLY A 1114 28.00 -24.85 6.39
C GLY A 1114 27.42 -23.63 5.71
N VAL A 1115 27.46 -22.47 6.39
CA VAL A 1115 26.89 -21.26 5.81
C VAL A 1115 27.70 -20.83 4.59
N CYS A 1116 29.03 -20.90 4.68
CA CYS A 1116 29.87 -20.48 3.56
C CYS A 1116 29.44 -21.16 2.27
N VAL A 1117 29.27 -22.49 2.31
CA VAL A 1117 28.78 -23.20 1.13
C VAL A 1117 27.33 -22.85 0.85
N LEU A 1118 26.59 -22.37 1.85
CA LEU A 1118 25.22 -21.92 1.64
C LEU A 1118 25.13 -20.64 0.84
N ALA A 1119 26.26 -19.95 0.62
CA ALA A 1119 26.25 -18.74 -0.18
C ALA A 1119 25.89 -19.00 -1.63
N PHE A 1120 25.95 -20.27 -2.07
CA PHE A 1120 25.67 -20.63 -3.46
C PHE A 1120 24.20 -20.91 -3.70
N ALA A 1121 23.32 -20.46 -2.82
CA ALA A 1121 21.89 -20.62 -3.04
C ALA A 1121 21.45 -19.74 -4.21
N GLN A 1122 20.45 -20.24 -4.96
CA GLN A 1122 19.99 -19.54 -6.15
C GLN A 1122 18.89 -18.52 -5.84
N SER A 1123 17.94 -18.88 -4.97
CA SER A 1123 16.83 -17.99 -4.68
C SER A 1123 17.35 -16.66 -4.14
N LYS A 1124 16.76 -15.56 -4.62
CA LYS A 1124 17.19 -14.25 -4.16
C LYS A 1124 16.71 -13.97 -2.75
N ILE A 1125 15.54 -14.49 -2.37
CA ILE A 1125 15.04 -14.28 -1.02
C ILE A 1125 15.92 -15.01 0.00
N PHE A 1126 16.28 -16.26 -0.30
CA PHE A 1126 17.14 -17.00 0.61
C PHE A 1126 18.53 -16.38 0.68
N ASP A 1127 19.00 -15.78 -0.42
CA ASP A 1127 20.32 -15.17 -0.41
C ASP A 1127 20.34 -13.87 0.36
N VAL A 1128 19.19 -13.21 0.49
CA VAL A 1128 19.15 -11.89 1.11
C VAL A 1128 18.80 -11.99 2.59
N PHE A 1129 17.65 -12.55 2.91
CA PHE A 1129 17.14 -12.52 4.27
C PHE A 1129 17.60 -13.70 5.12
N TYR A 1130 18.19 -14.73 4.53
CA TYR A 1130 18.58 -15.92 5.27
C TYR A 1130 20.05 -16.26 5.18
N PHE A 1131 20.79 -15.69 4.23
CA PHE A 1131 22.24 -15.87 4.16
C PHE A 1131 23.02 -14.64 4.58
N ARG A 1132 22.61 -13.46 4.14
CA ARG A 1132 23.32 -12.24 4.51
C ARG A 1132 23.02 -11.82 5.94
N MET A 1133 22.12 -12.49 6.63
CA MET A 1133 21.84 -12.22 8.03
C MET A 1133 22.33 -13.30 8.97
N TRP A 1134 22.41 -14.55 8.53
CA TRP A 1134 23.04 -15.61 9.30
C TRP A 1134 24.53 -15.74 9.00
N PHE A 1135 25.03 -15.04 7.98
CA PHE A 1135 26.46 -14.88 7.79
C PHE A 1135 27.00 -13.67 8.53
N THR A 1136 26.13 -12.79 9.02
CA THR A 1136 26.55 -11.64 9.80
C THR A 1136 26.45 -11.88 11.30
N LEU A 1137 25.51 -12.72 11.75
CA LEU A 1137 25.43 -13.05 13.16
C LEU A 1137 26.42 -14.12 13.57
N ILE A 1138 27.05 -14.81 12.62
CA ILE A 1138 28.11 -15.74 12.94
C ILE A 1138 29.48 -15.07 12.92
N ILE A 1139 29.61 -13.92 12.25
CA ILE A 1139 30.85 -13.16 12.28
C ILE A 1139 30.80 -12.05 13.32
N VAL A 1140 29.64 -11.41 13.48
CA VAL A 1140 29.49 -10.39 14.52
C VAL A 1140 29.48 -11.03 15.90
N ALA A 1141 28.74 -12.13 16.06
CA ALA A 1141 28.70 -12.79 17.36
C ALA A 1141 30.04 -13.45 17.68
N ALA A 1142 30.65 -14.09 16.69
CA ALA A 1142 31.95 -14.72 16.92
C ALA A 1142 32.99 -13.68 17.31
N LEU A 1143 33.02 -12.55 16.62
CA LEU A 1143 33.95 -11.49 16.99
C LEU A 1143 33.64 -10.96 18.39
N HIS A 1144 32.36 -10.72 18.68
CA HIS A 1144 31.98 -10.08 19.94
C HIS A 1144 32.07 -11.02 21.13
N ALA A 1145 32.09 -12.33 20.91
CA ALA A 1145 32.14 -13.29 21.99
C ALA A 1145 33.54 -13.83 22.25
N LEU A 1146 34.43 -13.77 21.27
CA LEU A 1146 35.77 -14.30 21.41
C LEU A 1146 36.84 -13.22 21.54
N LEU A 1147 36.55 -11.99 21.14
CA LEU A 1147 37.50 -10.89 21.28
C LEU A 1147 36.99 -9.81 22.22
N PHE A 1148 35.76 -9.35 22.06
CA PHE A 1148 35.24 -8.30 22.93
C PHE A 1148 35.02 -8.82 24.33
N LEU A 1149 34.33 -9.96 24.46
CA LEU A 1149 33.97 -10.45 25.79
C LEU A 1149 35.18 -10.74 26.66
N PRO A 1150 36.21 -11.44 26.19
CA PRO A 1150 37.40 -11.63 27.04
C PRO A 1150 38.04 -10.31 27.45
N ALA A 1151 38.04 -9.31 26.56
CA ALA A 1151 38.57 -8.00 26.95
C ALA A 1151 37.62 -7.29 27.90
N LEU A 1152 36.31 -7.36 27.63
CA LEU A 1152 35.35 -6.68 28.49
C LEU A 1152 35.33 -7.30 29.88
N LEU A 1153 35.32 -8.63 29.96
CA LEU A 1153 35.22 -9.29 31.26
C LEU A 1153 36.44 -8.97 32.12
N SER A 1154 37.63 -8.91 31.50
CA SER A 1154 38.83 -8.56 32.25
C SER A 1154 38.69 -7.18 32.90
N LEU A 1155 37.86 -6.32 32.32
CA LEU A 1155 37.58 -4.99 32.86
C LEU A 1155 36.16 -4.89 33.38
N PHE A 1156 35.60 -5.99 33.89
CA PHE A 1156 34.24 -6.01 34.39
C PHE A 1156 34.09 -5.06 35.57
C1 NAG B . -32.29 -2.36 5.48
C2 NAG B . -33.25 -2.76 6.58
C3 NAG B . -33.25 -1.72 7.69
C4 NAG B . -31.82 -1.45 8.16
C5 NAG B . -30.89 -1.18 6.98
C6 NAG B . -29.43 -1.11 7.38
C7 NAG B . -35.29 -4.08 6.15
C8 NAG B . -36.67 -4.07 5.56
N2 NAG B . -34.60 -2.93 6.05
O3 NAG B . -34.03 -2.19 8.78
O4 NAG B . -31.82 -0.29 8.99
O5 NAG B . -30.99 -2.25 6.02
O6 NAG B . -28.99 -2.31 8.00
O7 NAG B . -34.82 -5.07 6.69
H1 NAG B . -32.55 -1.49 5.13
H2 NAG B . -32.96 -3.62 6.96
H3 NAG B . -33.63 -0.90 7.36
H4 NAG B . -31.49 -2.22 8.67
H5 NAG B . -31.15 -0.35 6.56
H61 NAG B . -29.31 -0.36 8.00
H62 NAG B . -28.89 -0.95 6.58
H81 NAG B . -37.00 -4.98 5.49
H82 NAG B . -36.63 -3.67 4.67
H83 NAG B . -37.25 -3.54 6.12
HN2 NAG B . -34.99 -2.22 5.65
HO3 NAG B . -33.78 -1.79 9.53
HO6 NAG B . -28.27 -2.14 8.48
C1 NAG B . -31.13 -0.54 10.22
C2 NAG B . -31.11 0.76 11.00
C3 NAG B . -30.42 0.57 12.35
C4 NAG B . -31.06 -0.58 13.11
C5 NAG B . -31.11 -1.84 12.24
C6 NAG B . -31.87 -2.97 12.89
C7 NAG B . -29.19 1.77 9.83
C8 NAG B . -28.71 2.95 9.05
N2 NAG B . -30.47 1.82 10.24
O3 NAG B . -30.50 1.77 13.10
O4 NAG B . -30.32 -0.85 14.30
O5 NAG B . -31.78 -1.56 11.01
O6 NAG B . -31.89 -4.13 12.06
O7 NAG B . -28.48 0.80 10.08
H1 NAG B . -30.22 -0.83 10.04
H2 NAG B . -32.04 1.03 11.17
H3 NAG B . -29.48 0.36 12.19
H4 NAG B . -31.97 -0.32 13.36
H5 NAG B . -30.20 -2.13 12.06
H61 NAG B . -32.79 -2.68 13.07
H62 NAG B . -31.44 -3.19 13.75
H81 NAG B . -27.73 2.97 9.07
H82 NAG B . -29.05 3.77 9.44
H83 NAG B . -29.01 2.88 8.12
HN2 NAG B . -30.96 2.57 10.03
HO3 NAG B . -30.12 1.65 13.90
HO4 NAG B . -30.88 -0.89 14.99
HO6 NAG B . -32.37 -4.76 12.45
C1 NAG C . -32.82 26.75 -4.03
C2 NAG C . -33.33 27.43 -2.77
C3 NAG C . -34.83 27.66 -2.88
C4 NAG C . -35.17 28.41 -4.17
C5 NAG C . -34.51 27.73 -5.38
C6 NAG C . -34.65 28.54 -6.65
C7 NAG C . -31.83 26.65 -1.00
C8 NAG C . -31.68 25.77 0.21
N2 NAG C . -33.02 26.64 -1.59
O3 NAG C . -35.28 28.40 -1.76
O4 NAG C . -36.57 28.41 -4.37
O5 NAG C . -33.10 27.57 -5.15
O6 NAG C . -34.42 29.92 -6.42
O7 NAG C . -30.90 27.33 -1.41
H1 NAG C . -33.26 25.89 -4.14
H2 NAG C . -32.89 28.30 -2.68
H3 NAG C . -35.28 26.80 -2.90
H4 NAG C . -34.84 29.33 -4.10
H5 NAG C . -34.91 26.86 -5.51
H61 NAG C . -35.56 28.42 -7.00
H62 NAG C . -34.02 28.22 -7.31
H81 NAG C . -30.79 25.38 0.22
H82 NAG C . -32.36 25.07 0.18
H83 NAG C . -31.81 26.31 1.01
HN2 NAG C . -33.68 26.11 -1.24
HO3 NAG C . -35.00 29.25 -1.83
HO6 NAG C . -34.67 30.38 -7.14
C1 NAG C . -37.16 29.63 -3.87
C2 NAG C . -38.67 29.52 -4.04
C3 NAG C . -39.35 30.76 -3.50
C4 NAG C . -38.91 31.02 -2.05
C5 NAG C . -37.38 31.06 -1.96
C6 NAG C . -36.89 31.18 -0.54
C7 NAG C . -38.73 30.15 -6.41
C8 NAG C . -39.19 29.76 -7.78
N2 NAG C . -39.03 29.30 -5.43
O3 NAG C . -40.75 30.59 -3.55
O4 NAG C . -39.44 32.26 -1.59
O5 NAG C . -36.83 29.85 -2.49
O6 NAG C . -37.66 32.10 0.21
O7 NAG C . -38.13 31.19 -6.20
H1 NAG C . -36.82 30.38 -4.39
H2 NAG C . -38.97 28.75 -3.51
H3 NAG C . -39.10 31.53 -4.04
H4 NAG C . -39.24 30.30 -1.49
H5 NAG C . -37.06 31.82 -2.48
H61 NAG C . -35.96 31.48 -0.56
H62 NAG C . -36.93 30.30 -0.11
H81 NAG C . -39.16 30.53 -8.37
H82 NAG C . -40.10 29.41 -7.73
H83 NAG C . -38.60 29.06 -8.13
HN2 NAG C . -39.48 28.53 -5.64
HO3 NAG C . -41.16 31.37 -3.38
HO4 NAG C . -39.35 32.31 -0.71
HO6 NAG C . -37.21 32.36 0.92
C1 NAG D . 7.77 -1.56 -33.44
C2 NAG D . 7.23 -2.30 -34.65
C3 NAG D . 8.11 -2.04 -35.86
C4 NAG D . 8.25 -0.54 -36.10
C5 NAG D . 8.73 0.16 -34.83
C6 NAG D . 8.76 1.67 -34.96
C7 NAG D . 6.13 -4.52 -34.76
C8 NAG D . 5.02 -3.87 -35.51
N2 NAG D . 7.15 -3.73 -34.37
O3 NAG D . 7.54 -2.66 -37.01
O4 NAG D . 9.10 -0.24 -37.19
O5 NAG D . 7.85 -0.14 -33.74
O6 NAG D . 9.62 2.25 -33.99
O7 NAG D . 6.12 -5.72 -34.50
H1 NAG D . 8.67 -1.88 -33.24
H2 NAG D . 6.34 -1.93 -34.84
H3 NAG D . 8.98 -2.43 -35.68
H4 NAG D . 7.36 -0.18 -36.31
H5 NAG D . 9.62 -0.16 -34.60
H61 NAG D . 7.85 2.02 -34.85
H62 NAG D . 9.09 1.90 -35.85
H81 NAG D . 4.38 -4.55 -35.80
H82 NAG D . 5.36 -3.40 -36.29
H83 NAG D . 4.55 -3.23 -34.92
HN2 NAG D . 7.83 -4.12 -33.92
HO3 NAG D . 8.15 -2.71 -37.65
HO6 NAG D . 10.38 1.81 -33.96
C1 NAG D . 10.32 -1.02 -37.29
C2 NAG D . 11.27 -0.24 -38.20
C3 NAG D . 12.60 -0.98 -38.33
C4 NAG D . 13.19 -1.28 -36.96
C5 NAG D . 12.16 -2.01 -36.10
C6 NAG D . 12.64 -2.23 -34.68
C7 NAG D . 10.00 1.09 -39.83
C8 NAG D . 9.45 1.14 -41.22
N2 NAG D . 10.68 -0.02 -39.51
O3 NAG D . 13.51 -0.19 -39.09
O4 NAG D . 14.35 -2.08 -37.10
O5 NAG D . 10.95 -1.24 -36.01
O6 NAG D . 11.89 -3.27 -34.04
O7 NAG D . 9.83 2.00 -39.03
H1 NAG D . 10.12 -1.87 -37.70
H2 NAG D . 11.45 0.63 -37.79
H3 NAG D . 12.45 -1.82 -38.81
H4 NAG D . 13.42 -0.44 -36.53
H5 NAG D . 11.96 -2.87 -36.51
H61 NAG D . 12.52 -1.41 -34.18
H62 NAG D . 13.58 -2.48 -34.70
H81 NAG D . 8.90 0.35 -41.39
H82 NAG D . 10.19 1.16 -41.87
H83 NAG D . 8.91 1.94 -41.33
HN2 NAG D . 10.77 -0.67 -40.15
HO3 NAG D . 14.33 -0.31 -38.78
HO4 NAG D . 14.93 -1.86 -36.45
HO6 NAG D . 12.14 -3.33 -33.20
CAA Y01 E . 11.97 -19.22 -0.36
CBA Y01 E . 12.34 -19.22 1.11
CAB Y01 E . 13.28 -20.36 1.42
CAN Y01 E . 11.09 -19.27 1.99
CAJ Y01 E . 10.21 -18.01 1.95
CAO Y01 E . 8.85 -18.19 2.61
CBB Y01 E . 7.65 -17.74 1.76
CAC Y01 E . 6.48 -18.69 1.94
CBE Y01 E . 7.28 -16.27 2.04
CAP Y01 E . 8.51 -15.40 2.36
CAQ Y01 E . 8.09 -13.95 2.05
CBG Y01 E . 6.64 -14.05 1.56
CBI Y01 E . 6.54 -15.46 0.95
CAE Y01 E . 7.28 -15.54 -0.39
CAU Y01 E . 5.04 -15.74 0.76
CAS Y01 E . 4.36 -14.69 -0.12
CBF Y01 E . 4.60 -13.25 0.36
CBD Y01 E . 6.08 -12.95 0.65
CAK Y01 E . 6.22 -11.57 1.31
CAI Y01 E . 5.33 -10.54 0.69
CAZ Y01 E . 4.23 -10.80 0.01
CAV Y01 E . 3.12 -9.78 -0.11
CBH Y01 E . 3.97 -12.17 -0.57
CAD Y01 E . 4.56 -12.23 -2.00
CAT Y01 E . 2.44 -12.38 -0.63
CAR Y01 E . 1.70 -11.32 -1.47
CBC Y01 E . 2.36 -9.97 -1.40
OAW Y01 E . 3.35 -9.87 -2.49
CAY Y01 E . 2.97 -9.60 -3.76
OAG Y01 E . 3.70 -9.73 -4.70
CAM Y01 E . 1.54 -9.14 -3.90
CAL Y01 E . 1.36 -7.67 -3.56
CAX Y01 E . -0.02 -7.14 -3.86
OAH Y01 E . -0.11 -5.98 -4.34
OAF Y01 E . -1.00 -7.89 -3.62
HAA1 Y01 E . 11.40 -18.46 -0.60
HAA2 Y01 E . 11.51 -20.05 -0.61
HAA3 Y01 E . 12.79 -19.16 -0.92
HBA Y01 E . 12.81 -18.38 1.30
HAB1 Y01 E . 13.59 -20.31 2.36
HAB2 Y01 E . 14.07 -20.33 0.84
HAB3 Y01 E . 12.85 -21.22 1.30
HAN1 Y01 E . 11.37 -19.40 2.92
HAN2 Y01 E . 10.55 -20.04 1.75
HAJ1 Y01 E . 10.08 -17.74 1.01
HAJ2 Y01 E . 10.71 -17.29 2.38
HAO1 Y01 E . 8.84 -17.73 3.48
HAO2 Y01 E . 8.76 -19.14 2.81
HBB Y01 E . 7.93 -17.81 0.82
HAC1 Y01 E . 5.70 -18.41 1.44
HAC2 Y01 E . 6.19 -18.73 2.88
HAC3 Y01 E . 6.72 -19.60 1.68
HBE Y01 E . 6.72 -16.27 2.85
HAP1 Y01 E . 9.27 -15.65 1.79
HAP2 Y01 E . 8.79 -15.48 3.30
HAQ1 Y01 E . 8.67 -13.56 1.38
HAQ2 Y01 E . 8.16 -13.40 2.86
HBG Y01 E . 6.09 -14.03 2.37
HBD Y01 E . 6.58 -12.92 -0.18
HAE1 Y01 E . 6.86 -14.98 -1.07
HAE2 Y01 E . 7.29 -16.45 -0.75
HAE3 Y01 E . 8.21 -15.24 -0.33
HAU1 Y01 E . 4.57 -15.76 1.62
HAU2 Y01 E . 4.91 -16.61 0.35
HAS1 Y01 E . 3.41 -14.89 -0.15
HAS2 Y01 E . 4.69 -14.80 -1.03
HBF Y01 E . 4.13 -13.18 1.23
HAK1 Y01 E . 7.14 -11.25 1.25
HAK2 Y01 E . 6.01 -11.64 2.26
HAI Y01 E . 5.61 -9.60 0.82
HAV1 Y01 E . 3.46 -8.87 -0.05
HAV2 Y01 E . 2.51 -9.87 0.66
HBC Y01 E . 1.68 -9.28 -1.45
HAD1 Y01 E . 3.88 -12.18 -2.69
HAD2 Y01 E . 5.06 -13.06 -2.16
HAD3 Y01 E . 5.19 -11.50 -2.14
HAT1 Y01 E . 2.06 -12.38 0.28
HAT2 Y01 E . 2.23 -13.26 -1.01
HAR1 Y01 E . 0.76 -11.25 -1.18
HAR2 Y01 E . 1.65 -11.62 -2.40
HAM1 Y01 E . 0.93 -9.71 -3.37
HAM2 Y01 E . 1.31 -9.27 -4.84
HAL1 Y01 E . 2.01 -7.14 -4.07
HAL2 Y01 E . 1.56 -7.51 -2.61
C1 ERG F . -26.90 39.41 -25.95
C2 ERG F . -27.48 40.47 -26.88
C3 ERG F . -26.39 41.40 -27.39
C4 ERG F . -25.31 40.60 -28.10
C5 ERG F . -24.78 39.48 -27.24
C6 ERG F . -23.46 39.32 -27.05
C7 ERG F . -22.92 38.20 -26.39
C8 ERG F . -23.72 37.31 -25.83
C9 ERG F . -25.15 37.66 -25.54
C10 ERG F . -25.81 38.55 -26.62
C11 ERG F . -25.94 36.41 -25.10
C12 ERG F . -25.71 35.14 -25.93
C13 ERG F . -24.22 34.83 -26.21
C14 ERG F . -23.38 35.89 -25.44
C15 ERG F . -21.94 35.36 -25.57
C16 ERG F . -22.10 33.82 -25.54
C17 ERG F . -23.63 33.56 -25.59
C18 ERG F . -23.94 34.90 -27.72
C19 ERG F . -26.45 37.71 -27.74
C20 ERG F . -23.95 32.19 -26.23
C21 ERG F . -25.45 31.91 -26.34
C22 ERG F . -23.29 31.08 -25.45
C23 ERG F . -22.54 30.12 -25.93
C24 ERG F . -22.18 29.88 -27.38
C25 ERG F . -23.42 29.64 -28.26
C26 ERG F . -23.03 29.28 -29.68
C27 ERG F . -24.33 28.57 -27.68
C28 ERG F . -21.28 31.01 -27.89
O1 ERG F . -26.94 42.37 -28.27
H11 ERG F . -27.63 38.84 -25.65
H12 ERG F . -26.54 39.85 -25.15
H21 ERG F . -28.16 40.99 -26.41
H22A ERG F . -27.95 40.05 -27.64
H3 ERG F . -26.00 41.88 -26.62
H41 ERG F . -24.60 41.21 -28.38
H42 ERG F . -25.68 40.24 -28.94
H6 ERG F . -22.83 40.00 -27.36
H7 ERG F . -21.94 38.12 -26.38
H9 ERG F . -25.07 38.21 -24.73
H111 ERG F . -26.90 36.62 -25.12
H112 ERG F . -25.75 36.18 -24.17
H121 ERG F . -26.20 35.23 -26.77
H122 ERG F . -26.13 34.40 -25.44
H14 ERG F . -23.57 35.83 -24.49
H151 ERG F . -21.37 35.66 -24.83
H152 ERG F . -21.51 35.64 -26.41
H161 ERG F . -21.72 33.44 -24.73
H162 ERG F . -21.64 33.43 -26.31
H17 ERG F . -23.94 33.51 -24.65
H181 ERG F . -23.02 34.65 -27.95
H182 ERG F . -24.06 35.81 -28.08
H183 ERG F . -24.53 34.31 -28.21
H191 ERG F . -25.80 37.09 -28.16
H192 ERG F . -26.80 38.27 -28.46
H193 ERG F . -27.18 37.15 -27.41
H20 ERG F . -23.61 32.20 -27.14
H211 ERG F . -25.63 31.03 -26.69
H212 ERG F . -25.89 32.58 -26.90
H213 ERG F . -25.89 31.98 -25.46
H22 ERG F . -23.45 31.11 -24.48
H23 ERG F . -22.17 29.47 -25.30
H24 ERG F . -21.63 29.07 -27.42
H25 ERG F . -23.94 30.47 -28.32
H261 ERG F . -23.82 29.10 -30.22
H262 ERG F . -22.47 28.47 -29.72
H263 ERG F . -22.54 30.01 -30.12
H271 ERG F . -25.07 28.38 -28.28
H272 ERG F . -24.71 28.85 -26.81
H273 ERG F . -23.84 27.74 -27.53
H281 ERG F . -20.84 30.76 -28.73
H282 ERG F . -20.58 31.24 -27.25
H283 ERG F . -21.79 31.84 -28.08
HO1 ERG F . -26.29 42.74 -28.68
CAA Y01 G . 13.00 -1.32 27.74
CBA Y01 G . 14.32 -0.59 27.80
CAB Y01 G . 14.29 0.48 28.88
CAN Y01 G . 15.48 -1.56 28.03
CAJ Y01 G . 16.88 -0.95 27.86
CAO Y01 G . 17.88 -1.92 27.22
CBB Y01 G . 18.44 -1.46 25.86
CAC Y01 G . 19.91 -1.85 25.72
CBE Y01 G . 17.56 -2.00 24.71
CAP Y01 G . 16.09 -1.54 24.84
CAQ Y01 G . 15.54 -1.41 23.41
CBG Y01 G . 16.63 -2.05 22.53
CBI Y01 G . 17.93 -1.67 23.24
CAE Y01 G . 18.26 -0.18 23.08
CAU Y01 G . 19.03 -2.53 22.61
CAS Y01 G . 19.11 -2.34 21.09
CBF Y01 G . 17.77 -2.55 20.36
CBD Y01 G . 16.63 -1.78 21.04
CAK Y01 G . 15.29 -2.19 20.42
CAI Y01 G . 15.36 -2.37 18.94
CAZ Y01 G . 16.46 -2.28 18.22
CAV Y01 G . 16.41 -2.29 16.72
CBH Y01 G . 17.85 -2.25 18.83
CAD Y01 G . 18.48 -0.88 18.55
CAT Y01 G . 18.68 -3.35 18.14
CAR Y01 G . 17.84 -4.27 17.27
CBC Y01 G . 17.12 -3.51 16.16
OAW Y01 G . 18.11 -3.14 15.15
CAY Y01 G . 17.74 -2.87 13.88
OAG Y01 G . 18.21 -3.45 12.93
CAM Y01 G . 16.69 -1.82 13.75
CAL Y01 G . 15.26 -2.34 13.75
CAX Y01 G . 14.26 -1.21 13.93
OAH Y01 G . 14.01 -0.85 15.11
OAF Y01 G . 13.74 -0.70 12.92
HAA1 Y01 G . 12.27 -0.72 27.46
HAA2 Y01 G . 12.75 -1.69 28.61
HAA3 Y01 G . 13.03 -2.05 27.10
HBA Y01 G . 14.46 -0.15 26.94
HAB1 Y01 G . 13.59 1.14 28.69
HAB2 Y01 G . 15.14 0.96 28.92
HAB3 Y01 G . 14.12 0.10 29.76
HAN1 Y01 G . 15.38 -2.32 27.42
HAN2 Y01 G . 15.41 -1.93 28.93
HAJ1 Y01 G . 17.23 -0.70 28.73
HAJ2 Y01 G . 16.79 -0.14 27.32
HAO1 Y01 G . 17.47 -2.80 27.11
HAO2 Y01 G . 18.62 -2.02 27.84
HBB Y01 G . 18.39 -0.48 25.84
HAC1 Y01 G . 20.43 -1.52 26.48
HAC2 Y01 G . 20.31 -1.45 24.93
HAC3 Y01 G . 20.01 -2.82 25.66
HBE Y01 G . 17.56 -2.98 24.80
HAP1 Y01 G . 16.04 -0.68 25.30
HAP2 Y01 G . 15.55 -2.18 25.33
HAQ1 Y01 G . 15.38 -0.47 23.17
HAQ2 Y01 G . 14.69 -1.88 23.33
HBG Y01 G . 16.52 -3.02 22.63
HBD Y01 G . 16.74 -0.82 20.88
HAE1 Y01 G . 18.41 0.06 22.14
HAE2 Y01 G . 17.54 0.41 23.40
HAE3 Y01 G . 19.07 0.08 23.57
HAU1 Y01 G . 19.91 -2.30 22.97
HAU2 Y01 G . 18.89 -3.48 22.80
HAS1 Y01 G . 19.79 -2.95 20.74
HAS2 Y01 G . 19.45 -1.44 20.92
HBF Y01 G . 17.56 -3.50 20.46
HAK1 Y01 G . 14.60 -1.52 20.62
HAK2 Y01 G . 14.99 -3.02 20.83
HAI Y01 G . 14.52 -2.58 18.50
HAV1 Y01 G . 16.82 -1.47 16.38
HAV2 Y01 G . 15.47 -2.27 16.43
HBC Y01 G . 16.47 -4.12 15.77
HAD1 Y01 G . 18.47 -0.68 17.59
HAD2 Y01 G . 17.99 -0.16 18.98
HAD3 Y01 G . 19.41 -0.82 18.86
HAT1 Y01 G . 19.15 -3.90 18.81
HAT2 Y01 G . 19.38 -2.94 17.59
HAR1 Y01 G . 17.19 -4.79 17.80
HAR2 Y01 G . 18.42 -4.95 16.86
HAM1 Y01 G . 16.84 -1.38 12.91
HAM2 Y01 G . 16.82 -1.15 14.45
HAL1 Y01 G . 15.12 -3.01 14.45
HAL2 Y01 G . 15.07 -2.77 12.90
#